data_1AHV
#
_entry.id   1AHV
#
_cell.length_a   140.620
_cell.length_b   140.620
_cell.length_c   132.510
_cell.angle_alpha   90.00
_cell.angle_beta   90.00
_cell.angle_gamma   90.00
#
_symmetry.space_group_name_H-M   'I 4'
#
loop_
_entity.id
_entity.type
_entity.pdbx_description
1 polymer 'VANILLYL-ALCOHOL OXIDASE'
2 non-polymer 'FLAVIN-ADENINE DINUCLEOTIDE'
3 non-polymer 2-NITRO-P-CRESOL
#
_entity_poly.entity_id   1
_entity_poly.type   'polypeptide(L)'
_entity_poly.pdbx_seq_one_letter_code
;MSKTQEFRPLTLPPKLSLSDFNEFIQDIIRIVGSENVEVISSKDQIVDGSYMKPTHTHDPHHVMDQDYFLASAIVAPRNV
ADVQSIVGLANKFSFPLWPISIGRNSGYGGAAPRVSGSVVLDMGKNMNRVLEVNVEGAYCVVEPGVTYHDLHNYLEANNL
RDKLWLDVPDLGGGSVLGNAVERGVGYTPYGDHWMMHSGMEVVLANGELLRTGMGALPDPKRPETMGLKPEDQPWSKIAH
LFPYGFGPYIDGLFSQSNMGIVTKIGIWLMPNPRGYQSYLITLPKDGDLKQAVDIIRPLRLGMALQNVPTIRHILLDAAV
LGDKRSYSSRTEPLSDEELDKIAKQLNLGRWNFYGALYGPEPIRRVLWETIKDAFSAIPGVKFYFPEDTPENSVLRVRDK
TMQGIPTYDELKWIDWLPNGAHLFFSPIAKVSGEDAMMQYAVTKKRCQEAGLDFIGTFTVGMREMHHIVCIVFNKKDLIQ
KRKVQWLMRTLIDDCAANGWGEYRTHLAFMDQIMETYNWNNSSFLRFNEVLKNAVDPNGIIAPGKSGVWPSQYSHVTWKL
;
_entity_poly.pdbx_strand_id   A,B
#
# COMPACT_ATOMS: atom_id res chain seq x y z
N GLU A 6 7.54 40.98 -11.02
CA GLU A 6 8.71 41.21 -11.87
C GLU A 6 8.38 41.20 -13.36
N PHE A 7 9.31 41.72 -14.16
CA PHE A 7 9.18 41.84 -15.61
C PHE A 7 9.41 40.81 -16.72
N ARG A 8 10.63 40.28 -16.79
CA ARG A 8 11.00 39.32 -17.83
C ARG A 8 11.85 38.15 -17.34
N PRO A 9 11.26 36.97 -17.44
CA PRO A 9 11.88 35.73 -17.05
C PRO A 9 12.81 35.34 -18.18
N LEU A 10 13.87 34.62 -17.83
CA LEU A 10 14.86 34.21 -18.81
C LEU A 10 14.25 33.27 -19.85
N THR A 11 13.17 32.59 -19.51
CA THR A 11 12.47 31.67 -20.40
C THR A 11 11.03 31.66 -19.91
N LEU A 12 10.14 31.14 -20.73
CA LEU A 12 8.74 31.12 -20.34
C LEU A 12 8.06 29.84 -20.77
N PRO A 13 6.94 29.58 -20.10
CA PRO A 13 6.13 28.41 -20.35
C PRO A 13 5.72 28.44 -21.81
N PRO A 14 5.36 27.27 -22.36
CA PRO A 14 4.95 27.20 -23.74
C PRO A 14 3.63 27.91 -23.97
N LYS A 15 3.46 28.48 -25.16
CA LYS A 15 2.23 29.17 -25.53
C LYS A 15 1.79 30.32 -24.63
N LEU A 16 2.71 31.22 -24.30
CA LEU A 16 2.33 32.32 -23.43
C LEU A 16 3.16 33.59 -23.62
N SER A 17 2.44 34.71 -23.63
CA SER A 17 3.01 36.04 -23.81
C SER A 17 3.62 36.62 -22.53
N LEU A 18 4.62 37.48 -22.71
CA LEU A 18 5.28 38.12 -21.59
C LEU A 18 4.22 38.98 -20.92
N SER A 19 3.26 39.44 -21.71
CA SER A 19 2.16 40.27 -21.23
C SER A 19 1.35 39.45 -20.23
N ASP A 20 1.17 38.17 -20.51
CA ASP A 20 0.42 37.31 -19.62
C ASP A 20 1.22 36.93 -18.38
N PHE A 21 2.51 36.67 -18.59
CA PHE A 21 3.35 36.31 -17.46
C PHE A 21 3.28 37.40 -16.42
N ASN A 22 3.39 38.64 -16.89
CA ASN A 22 3.33 39.80 -16.01
C ASN A 22 2.00 39.93 -15.27
N GLU A 23 0.88 39.78 -15.97
CA GLU A 23 -0.38 39.91 -15.23
C GLU A 23 -0.46 38.77 -14.22
N PHE A 24 -0.01 37.58 -14.61
CA PHE A 24 -0.06 36.44 -13.71
C PHE A 24 0.81 36.68 -12.49
N ILE A 25 2.08 36.98 -12.71
CA ILE A 25 2.98 37.23 -11.60
C ILE A 25 2.55 38.45 -10.79
N GLN A 26 1.99 39.44 -11.46
CA GLN A 26 1.56 40.63 -10.76
C GLN A 26 0.56 40.20 -9.70
N ASP A 27 -0.40 39.37 -10.09
CA ASP A 27 -1.43 38.86 -9.18
C ASP A 27 -0.92 37.98 -8.06
N ILE A 28 0.10 37.18 -8.35
CA ILE A 28 0.64 36.31 -7.32
C ILE A 28 1.30 37.17 -6.24
N ILE A 29 2.03 38.21 -6.66
CA ILE A 29 2.70 39.08 -5.72
C ILE A 29 1.72 39.76 -4.79
N ARG A 30 0.52 40.03 -5.28
CA ARG A 30 -0.50 40.69 -4.49
C ARG A 30 -1.00 39.71 -3.43
N ILE A 31 -1.00 38.43 -3.78
CA ILE A 31 -1.44 37.38 -2.87
C ILE A 31 -0.41 37.03 -1.80
N VAL A 32 0.72 36.46 -2.24
CA VAL A 32 1.81 36.07 -1.34
C VAL A 32 2.77 37.17 -0.92
N GLY A 33 2.62 38.34 -1.53
CA GLY A 33 3.51 39.45 -1.20
C GLY A 33 4.85 39.19 -1.88
N SER A 34 5.52 40.29 -2.24
CA SER A 34 6.82 40.23 -2.91
C SER A 34 7.89 39.41 -2.21
N GLU A 35 7.84 39.34 -0.89
CA GLU A 35 8.86 38.59 -0.15
C GLU A 35 8.86 37.16 -0.65
N ASN A 36 7.67 36.63 -0.92
CA ASN A 36 7.49 35.27 -1.40
C ASN A 36 7.76 34.88 -2.85
N VAL A 37 7.55 35.83 -3.75
CA VAL A 37 7.77 35.60 -5.17
C VAL A 37 9.21 35.89 -5.55
N GLU A 38 9.64 35.37 -6.70
CA GLU A 38 11.00 35.57 -7.21
C GLU A 38 11.12 35.18 -8.68
N VAL A 39 11.23 36.18 -9.54
CA VAL A 39 11.37 35.96 -10.97
C VAL A 39 12.80 35.73 -11.40
N ILE A 40 13.01 34.84 -12.36
CA ILE A 40 14.36 34.61 -12.82
C ILE A 40 14.68 35.42 -14.06
N SER A 41 15.30 36.57 -13.83
CA SER A 41 15.69 37.54 -14.84
C SER A 41 17.07 37.42 -15.50
N SER A 42 18.05 36.86 -14.79
CA SER A 42 19.39 36.75 -15.35
C SER A 42 20.26 35.61 -14.85
N LYS A 43 21.34 35.39 -15.59
CA LYS A 43 22.32 34.35 -15.32
C LYS A 43 22.92 34.31 -13.93
N ASP A 44 23.15 35.48 -13.33
CA ASP A 44 23.73 35.48 -12.00
C ASP A 44 22.80 34.79 -11.02
N GLN A 45 21.56 34.59 -11.45
CA GLN A 45 20.56 33.92 -10.62
C GLN A 45 20.67 32.39 -10.71
N ILE A 46 21.28 31.92 -11.81
CA ILE A 46 21.49 30.50 -12.09
C ILE A 46 22.57 29.76 -11.31
N VAL A 47 22.83 30.15 -10.06
CA VAL A 47 23.84 29.49 -9.26
C VAL A 47 23.53 28.09 -8.74
N ASP A 48 24.46 27.15 -8.96
CA ASP A 48 24.28 25.78 -8.47
C ASP A 48 24.70 25.90 -7.01
N GLY A 49 23.74 25.71 -6.12
CA GLY A 49 23.99 25.81 -4.69
C GLY A 49 24.94 24.77 -4.09
N SER A 50 24.48 24.25 -2.96
CA SER A 50 25.14 23.24 -2.16
C SER A 50 23.98 22.45 -1.57
N TYR A 51 24.28 21.28 -1.03
CA TYR A 51 23.24 20.45 -0.44
C TYR A 51 22.68 21.16 0.78
N MET A 52 23.54 21.90 1.45
CA MET A 52 23.17 22.66 2.65
C MET A 52 22.28 23.86 2.37
N LYS A 53 22.33 24.37 1.14
CA LYS A 53 21.53 25.52 0.75
C LYS A 53 21.33 25.28 -0.73
N PRO A 54 20.25 24.55 -0.99
CA PRO A 54 19.83 24.13 -2.31
C PRO A 54 19.22 25.20 -3.20
N THR A 55 19.52 25.10 -4.50
CA THR A 55 19.00 26.03 -5.50
C THR A 55 17.63 25.58 -5.98
N HIS A 56 16.65 26.49 -5.94
CA HIS A 56 15.29 26.18 -6.38
C HIS A 56 14.97 26.43 -7.85
N THR A 57 15.90 27.05 -8.57
CA THR A 57 15.75 27.38 -9.99
C THR A 57 16.03 26.35 -11.08
N HIS A 58 16.80 25.32 -10.77
CA HIS A 58 17.12 24.36 -11.82
C HIS A 58 17.83 23.18 -11.17
N ASP A 59 18.35 22.30 -12.02
CA ASP A 59 19.07 21.10 -11.62
C ASP A 59 20.52 21.43 -11.24
N PRO A 60 20.92 21.12 -10.01
CA PRO A 60 22.28 21.37 -9.55
C PRO A 60 23.31 20.43 -10.17
N HIS A 61 22.89 19.19 -10.34
CA HIS A 61 23.62 18.06 -10.90
C HIS A 61 23.44 17.84 -12.40
N HIS A 62 22.99 18.88 -13.08
CA HIS A 62 22.73 18.82 -14.52
C HIS A 62 23.62 17.97 -15.42
N VAL A 63 22.99 16.97 -16.06
CA VAL A 63 23.71 16.11 -16.99
C VAL A 63 23.59 16.89 -18.26
N MET A 64 22.42 17.51 -18.42
CA MET A 64 22.14 18.33 -19.58
C MET A 64 22.66 19.74 -19.39
N ASP A 65 22.35 20.65 -20.31
CA ASP A 65 22.81 22.02 -20.17
C ASP A 65 22.31 22.53 -18.84
N GLN A 66 23.10 23.38 -18.17
CA GLN A 66 22.70 23.90 -16.87
C GLN A 66 21.36 24.65 -16.90
N ASP A 67 21.22 25.55 -17.87
CA ASP A 67 20.02 26.34 -18.03
C ASP A 67 18.91 25.63 -18.81
N TYR A 68 19.04 24.33 -19.00
CA TYR A 68 18.03 23.58 -19.74
C TYR A 68 16.68 23.64 -19.02
N PHE A 69 16.56 22.92 -17.91
CA PHE A 69 15.32 22.93 -17.14
C PHE A 69 15.46 24.05 -16.12
N LEU A 70 14.59 25.05 -16.16
CA LEU A 70 14.67 26.12 -15.16
C LEU A 70 13.37 26.89 -15.17
N ALA A 71 12.99 27.30 -13.96
CA ALA A 71 11.78 28.05 -13.73
C ALA A 71 11.74 29.49 -14.21
N SER A 72 10.52 29.98 -14.41
CA SER A 72 10.33 31.36 -14.83
C SER A 72 10.34 32.19 -13.55
N ALA A 73 9.90 31.56 -12.47
CA ALA A 73 9.85 32.24 -11.17
C ALA A 73 9.69 31.22 -10.07
N ILE A 74 9.60 31.72 -8.84
CA ILE A 74 9.45 30.82 -7.71
C ILE A 74 8.41 31.48 -6.80
N VAL A 75 7.60 30.65 -6.17
CA VAL A 75 6.58 31.21 -5.32
C VAL A 75 6.33 30.34 -4.11
N ALA A 76 6.48 30.98 -2.96
CA ALA A 76 6.26 30.32 -1.68
C ALA A 76 4.86 30.65 -1.14
N PRO A 77 3.94 29.70 -1.16
CA PRO A 77 2.62 29.99 -0.64
C PRO A 77 2.81 30.12 0.87
N ARG A 78 2.05 31.01 1.49
CA ARG A 78 2.14 31.22 2.92
C ARG A 78 1.41 30.09 3.63
N ASN A 79 0.36 29.59 2.98
CA ASN A 79 -0.43 28.50 3.54
C ASN A 79 -1.38 27.94 2.50
N VAL A 80 -2.11 26.90 2.89
CA VAL A 80 -3.07 26.23 2.01
C VAL A 80 -3.97 27.14 1.18
N ALA A 81 -4.53 28.17 1.81
CA ALA A 81 -5.40 29.04 1.04
C ALA A 81 -4.69 29.62 -0.17
N ASP A 82 -3.42 30.00 0.01
CA ASP A 82 -2.66 30.56 -1.10
C ASP A 82 -2.50 29.56 -2.22
N VAL A 83 -2.25 28.31 -1.85
CA VAL A 83 -2.08 27.26 -2.85
C VAL A 83 -3.36 27.17 -3.65
N GLN A 84 -4.49 27.13 -2.95
CA GLN A 84 -5.76 27.04 -3.64
C GLN A 84 -5.89 28.22 -4.61
N SER A 85 -5.48 29.39 -4.15
CA SER A 85 -5.55 30.60 -4.97
C SER A 85 -4.60 30.61 -6.16
N ILE A 86 -3.35 30.27 -5.91
CA ILE A 86 -2.36 30.26 -6.97
C ILE A 86 -2.84 29.30 -8.03
N VAL A 87 -3.33 28.16 -7.56
CA VAL A 87 -3.84 27.15 -8.48
C VAL A 87 -4.94 27.75 -9.35
N GLY A 88 -5.83 28.50 -8.73
CA GLY A 88 -6.92 29.12 -9.48
C GLY A 88 -6.39 30.03 -10.59
N LEU A 89 -5.35 30.81 -10.29
CA LEU A 89 -4.78 31.71 -11.28
C LEU A 89 -4.13 30.91 -12.40
N ALA A 90 -3.40 29.88 -12.00
CA ALA A 90 -2.72 29.04 -12.96
C ALA A 90 -3.73 28.54 -13.99
N ASN A 91 -4.93 28.19 -13.54
CA ASN A 91 -5.93 27.72 -14.49
C ASN A 91 -6.34 28.82 -15.47
N LYS A 92 -6.48 30.04 -14.97
CA LYS A 92 -6.87 31.13 -15.85
C LYS A 92 -5.87 31.27 -16.98
N PHE A 93 -4.59 31.27 -16.65
CA PHE A 93 -3.53 31.38 -17.63
C PHE A 93 -3.01 30.08 -18.22
N SER A 94 -3.37 28.95 -17.61
CA SER A 94 -2.88 27.66 -18.11
C SER A 94 -1.37 27.59 -17.92
N PHE A 95 -0.90 28.26 -16.87
CA PHE A 95 0.51 28.32 -16.51
C PHE A 95 0.88 27.03 -15.77
N PRO A 96 1.97 26.37 -16.16
CA PRO A 96 2.34 25.14 -15.47
C PRO A 96 3.05 25.33 -14.14
N LEU A 97 2.58 24.58 -13.15
CA LEU A 97 3.13 24.57 -11.80
C LEU A 97 4.02 23.35 -11.63
N TRP A 98 4.92 23.39 -10.65
CA TRP A 98 5.82 22.29 -10.38
C TRP A 98 6.11 22.46 -8.90
N PRO A 99 5.44 21.63 -8.10
CA PRO A 99 5.55 21.64 -6.65
C PRO A 99 6.79 20.95 -6.11
N ILE A 100 7.20 21.38 -4.92
CA ILE A 100 8.37 20.81 -4.26
C ILE A 100 8.30 21.23 -2.81
N SER A 101 8.77 20.34 -1.94
CA SER A 101 8.79 20.60 -0.51
C SER A 101 10.16 21.18 -0.14
N ILE A 102 11.19 20.38 -0.33
CA ILE A 102 12.55 20.79 -0.03
C ILE A 102 13.52 21.24 -1.10
N GLY A 103 13.44 20.62 -2.27
CA GLY A 103 14.33 20.94 -3.38
C GLY A 103 15.53 19.98 -3.37
N ARG A 104 15.61 19.16 -2.31
CA ARG A 104 16.66 18.17 -2.12
C ARG A 104 16.81 16.91 -2.97
N ASN A 105 15.93 16.80 -3.95
CA ASN A 105 15.91 15.64 -4.85
C ASN A 105 17.09 15.53 -5.83
N SER A 106 18.25 16.07 -5.51
CA SER A 106 19.38 15.97 -6.44
C SER A 106 19.69 14.53 -6.88
N GLY A 107 20.28 14.37 -8.05
CA GLY A 107 20.58 13.04 -8.55
C GLY A 107 19.30 12.51 -9.21
N TYR A 108 18.31 13.39 -9.30
CA TYR A 108 17.01 13.11 -9.91
C TYR A 108 16.43 14.42 -10.47
N GLY A 109 17.32 15.40 -10.63
CA GLY A 109 16.94 16.71 -11.15
C GLY A 109 16.72 17.86 -10.18
N GLY A 110 16.84 17.61 -8.87
CA GLY A 110 16.66 18.69 -7.90
C GLY A 110 15.33 19.41 -8.03
N ALA A 111 15.38 20.72 -7.81
CA ALA A 111 14.20 21.57 -7.89
C ALA A 111 13.70 21.93 -9.30
N ALA A 112 14.46 21.57 -10.32
CA ALA A 112 14.07 21.89 -11.70
C ALA A 112 12.79 21.21 -12.17
N PRO A 113 12.01 21.95 -12.94
CA PRO A 113 10.75 21.49 -13.51
C PRO A 113 11.03 20.82 -14.86
N ARG A 114 10.21 19.83 -15.24
CA ARG A 114 10.33 19.10 -16.50
C ARG A 114 10.15 20.08 -17.66
N VAL A 115 9.06 20.85 -17.60
CA VAL A 115 8.79 21.86 -18.63
C VAL A 115 9.33 23.19 -18.14
N SER A 116 10.21 23.84 -18.91
CA SER A 116 10.78 25.13 -18.53
C SER A 116 9.88 26.35 -18.50
N GLY A 117 10.25 27.34 -17.71
CA GLY A 117 9.46 28.57 -17.57
C GLY A 117 8.33 28.35 -16.56
N SER A 118 8.24 27.15 -16.02
CA SER A 118 7.20 26.84 -15.04
C SER A 118 7.44 27.54 -13.72
N VAL A 119 6.37 27.86 -13.02
CA VAL A 119 6.51 28.49 -11.72
C VAL A 119 6.75 27.35 -10.75
N VAL A 120 7.71 27.50 -9.85
CA VAL A 120 7.99 26.45 -8.89
C VAL A 120 7.36 26.73 -7.53
N LEU A 121 6.42 25.91 -7.08
CA LEU A 121 5.86 26.18 -5.75
C LEU A 121 6.77 25.71 -4.66
N ASP A 122 7.25 26.64 -3.84
CA ASP A 122 8.12 26.21 -2.77
C ASP A 122 7.12 25.94 -1.67
N MET A 123 6.69 24.69 -1.53
CA MET A 123 5.72 24.39 -0.48
C MET A 123 6.39 24.48 0.88
N GLY A 124 7.67 24.13 0.91
CA GLY A 124 8.47 24.12 2.13
C GLY A 124 8.81 25.37 2.96
N LYS A 125 9.06 26.50 2.31
CA LYS A 125 9.41 27.69 3.06
C LYS A 125 8.46 28.04 4.18
N ASN A 126 7.22 28.36 3.83
CA ASN A 126 6.25 28.72 4.84
C ASN A 126 5.51 27.64 5.59
N MET A 127 5.21 26.54 4.91
CA MET A 127 4.50 25.41 5.51
C MET A 127 5.63 24.50 5.98
N ASN A 128 6.18 24.86 7.13
CA ASN A 128 7.31 24.18 7.78
C ASN A 128 7.02 23.32 9.02
N ARG A 129 5.83 23.50 9.58
CA ARG A 129 5.33 22.84 10.80
C ARG A 129 5.13 21.36 11.09
N VAL A 130 5.61 20.93 12.26
CA VAL A 130 5.44 19.55 12.71
C VAL A 130 4.09 19.73 13.40
N LEU A 131 3.03 19.31 12.73
CA LEU A 131 1.67 19.42 13.23
C LEU A 131 1.30 18.54 14.40
N GLU A 132 1.97 17.40 14.53
CA GLU A 132 1.62 16.54 15.65
C GLU A 132 2.54 15.34 15.78
N VAL A 133 2.63 14.88 17.02
CA VAL A 133 3.44 13.73 17.34
C VAL A 133 2.54 13.12 18.39
N ASN A 134 2.34 11.82 18.26
CA ASN A 134 1.46 11.11 19.19
C ASN A 134 2.14 9.81 19.55
N VAL A 135 2.40 9.70 20.84
CA VAL A 135 3.07 8.54 21.40
C VAL A 135 2.28 7.24 21.41
N GLU A 136 0.99 7.33 21.70
CA GLU A 136 0.19 6.12 21.73
C GLU A 136 0.01 5.56 20.32
N GLY A 137 -0.25 6.45 19.38
CA GLY A 137 -0.44 6.07 17.99
C GLY A 137 0.91 5.81 17.33
N ALA A 138 1.95 6.34 17.97
CA ALA A 138 3.30 6.19 17.48
C ALA A 138 3.43 6.72 16.06
N TYR A 139 2.96 7.94 15.87
CA TYR A 139 3.04 8.57 14.56
C TYR A 139 3.10 10.07 14.79
N CYS A 140 3.21 10.82 13.70
CA CYS A 140 3.28 12.27 13.74
C CYS A 140 2.63 12.76 12.46
N VAL A 141 2.54 14.07 12.29
CA VAL A 141 1.92 14.61 11.10
C VAL A 141 2.83 15.74 10.71
N VAL A 142 2.91 16.02 9.40
CA VAL A 142 3.81 17.04 8.94
C VAL A 142 3.56 17.77 7.63
N GLU A 143 4.03 19.00 7.60
CA GLU A 143 3.91 19.84 6.42
C GLU A 143 5.10 19.59 5.52
N PRO A 144 5.04 20.10 4.31
CA PRO A 144 6.14 19.89 3.37
C PRO A 144 7.52 20.38 3.82
N GLY A 145 7.55 21.43 4.63
CA GLY A 145 8.79 22.04 5.13
C GLY A 145 9.68 21.30 6.13
N VAL A 146 9.12 20.33 6.84
CA VAL A 146 9.88 19.56 7.81
C VAL A 146 10.90 18.56 7.25
N THR A 147 12.19 18.80 7.45
CA THR A 147 13.22 17.88 6.97
C THR A 147 13.36 16.81 8.05
N TYR A 148 14.15 15.78 7.76
CA TYR A 148 14.34 14.73 8.76
C TYR A 148 14.98 15.33 10.00
N HIS A 149 16.05 16.11 9.81
CA HIS A 149 16.70 16.74 10.95
C HIS A 149 15.74 17.52 11.81
N ASP A 150 14.87 18.28 11.15
CA ASP A 150 13.92 19.06 11.93
C ASP A 150 13.11 18.17 12.87
N LEU A 151 12.55 17.10 12.31
CA LEU A 151 11.74 16.20 13.11
C LEU A 151 12.51 15.60 14.27
N HIS A 152 13.73 15.19 13.97
CA HIS A 152 14.58 14.59 14.98
C HIS A 152 14.78 15.60 16.11
N ASN A 153 15.09 16.84 15.76
CA ASN A 153 15.26 17.82 16.81
C ASN A 153 13.97 17.97 17.60
N TYR A 154 12.85 18.11 16.90
CA TYR A 154 11.57 18.27 17.59
C TYR A 154 11.34 17.15 18.57
N LEU A 155 11.71 15.94 18.17
CA LEU A 155 11.53 14.81 19.07
C LEU A 155 12.45 14.97 20.25
N GLU A 156 13.69 15.35 19.93
CA GLU A 156 14.72 15.53 20.95
C GLU A 156 14.48 16.70 21.90
N ALA A 157 13.93 17.81 21.39
CA ALA A 157 13.66 18.97 22.25
C ALA A 157 12.61 18.52 23.24
N ASN A 158 11.59 17.87 22.70
CA ASN A 158 10.48 17.36 23.47
C ASN A 158 10.83 16.12 24.29
N ASN A 159 12.10 15.73 24.24
CA ASN A 159 12.54 14.56 25.00
C ASN A 159 11.91 13.23 24.59
N LEU A 160 11.14 13.28 23.52
CA LEU A 160 10.45 12.12 22.96
C LEU A 160 11.35 11.10 22.27
N ARG A 161 12.61 11.45 22.04
CA ARG A 161 13.50 10.53 21.36
C ARG A 161 13.58 9.16 22.02
N ASP A 162 13.36 9.08 23.33
CA ASP A 162 13.41 7.78 23.98
C ASP A 162 12.17 6.94 23.72
N LYS A 163 11.08 7.63 23.39
CA LYS A 163 9.79 7.05 23.08
C LYS A 163 9.59 6.61 21.63
N LEU A 164 10.19 7.33 20.69
CA LEU A 164 10.00 6.97 19.29
C LEU A 164 11.18 7.38 18.41
N TRP A 165 11.49 6.51 17.47
CA TRP A 165 12.56 6.68 16.50
C TRP A 165 12.15 7.08 15.08
N LEU A 166 12.92 7.95 14.45
CA LEU A 166 12.65 8.34 13.08
C LEU A 166 13.39 7.40 12.15
N ASP A 167 12.86 7.16 10.96
CA ASP A 167 13.55 6.30 10.01
C ASP A 167 14.22 7.34 9.12
N VAL A 168 15.41 7.09 8.60
CA VAL A 168 15.99 8.14 7.76
C VAL A 168 16.88 7.57 6.67
N PRO A 169 16.85 8.25 5.54
CA PRO A 169 17.63 7.91 4.35
C PRO A 169 19.03 8.35 4.68
N ASP A 170 19.97 8.14 3.76
CA ASP A 170 21.36 8.52 3.99
C ASP A 170 21.58 9.95 4.46
N LEU A 171 21.59 10.91 3.55
CA LEU A 171 21.79 12.29 3.98
C LEU A 171 20.48 12.65 4.69
N GLY A 172 20.53 13.46 5.74
CA GLY A 172 19.33 13.86 6.48
C GLY A 172 18.47 15.07 6.09
N GLY A 173 18.96 15.91 5.19
CA GLY A 173 18.23 17.11 4.77
C GLY A 173 16.91 17.15 4.04
N GLY A 174 16.53 16.05 3.38
CA GLY A 174 15.28 16.00 2.62
C GLY A 174 13.95 16.16 3.36
N SER A 175 12.89 16.43 2.60
CA SER A 175 11.55 16.59 3.15
C SER A 175 11.00 15.23 3.57
N VAL A 176 10.43 15.15 4.76
CA VAL A 176 9.91 13.86 5.18
C VAL A 176 8.80 13.42 4.23
N LEU A 177 7.92 14.33 3.83
CA LEU A 177 6.87 13.91 2.91
C LEU A 177 7.30 13.89 1.46
N GLY A 178 8.23 14.77 1.12
CA GLY A 178 8.68 14.81 -0.26
C GLY A 178 9.29 13.45 -0.55
N ASN A 179 10.13 12.98 0.34
CA ASN A 179 10.73 11.68 0.09
C ASN A 179 9.68 10.59 0.12
N ALA A 180 8.67 10.74 0.99
CA ALA A 180 7.64 9.71 1.06
C ALA A 180 6.81 9.54 -0.20
N VAL A 181 6.36 10.64 -0.79
CA VAL A 181 5.55 10.57 -2.00
C VAL A 181 6.35 9.94 -3.15
N GLU A 182 7.65 10.17 -3.12
CA GLU A 182 8.57 9.64 -4.13
C GLU A 182 8.89 8.17 -3.87
N ARG A 183 8.49 7.66 -2.70
CA ARG A 183 8.73 6.26 -2.32
C ARG A 183 10.19 5.99 -2.02
N GLY A 184 10.88 7.01 -1.51
CA GLY A 184 12.29 6.85 -1.18
C GLY A 184 12.51 5.84 -0.05
N VAL A 185 13.68 5.21 -0.09
CA VAL A 185 14.07 4.23 0.90
C VAL A 185 14.77 4.80 2.13
N GLY A 186 14.70 4.06 3.23
CA GLY A 186 15.31 4.44 4.51
C GLY A 186 15.83 3.19 5.18
N TYR A 187 16.78 3.36 6.10
CA TYR A 187 17.41 2.24 6.80
C TYR A 187 16.91 1.34 7.94
N THR A 188 16.01 1.82 8.79
CA THR A 188 15.49 1.00 9.89
C THR A 188 14.44 0.02 9.39
N PRO A 189 13.70 -0.61 10.31
CA PRO A 189 12.65 -1.54 9.91
C PRO A 189 11.54 -0.76 9.18
N TYR A 190 11.46 0.52 9.50
CA TYR A 190 10.49 1.43 8.91
C TYR A 190 11.04 2.01 7.59
N GLY A 191 12.03 1.34 7.01
CA GLY A 191 12.66 1.79 5.76
C GLY A 191 11.80 2.08 4.53
N ASP A 192 10.71 1.35 4.33
CA ASP A 192 9.89 1.63 3.14
C ASP A 192 9.07 2.84 3.52
N HIS A 193 9.48 4.04 3.08
CA HIS A 193 8.72 5.21 3.45
C HIS A 193 7.27 5.30 3.01
N TRP A 194 7.03 5.03 1.74
CA TRP A 194 5.66 5.11 1.28
C TRP A 194 4.76 4.16 2.06
N MET A 195 5.28 3.01 2.44
CA MET A 195 4.45 2.07 3.17
C MET A 195 3.98 2.58 4.52
N MET A 196 4.84 3.35 5.19
CA MET A 196 4.54 3.92 6.50
C MET A 196 3.63 5.12 6.68
N HIS A 197 3.00 5.59 5.60
CA HIS A 197 2.12 6.75 5.74
C HIS A 197 0.68 6.35 6.06
N SER A 198 -0.15 7.33 6.41
CA SER A 198 -1.55 7.08 6.71
C SER A 198 -2.26 8.44 6.77
N GLY A 199 -3.24 8.62 5.90
CA GLY A 199 -4.01 9.87 5.82
C GLY A 199 -3.14 10.97 5.20
N MET A 200 -3.69 11.65 4.20
CA MET A 200 -2.98 12.71 3.51
C MET A 200 -3.97 13.82 3.18
N GLU A 201 -3.44 14.93 2.69
CA GLU A 201 -4.28 16.06 2.34
C GLU A 201 -3.62 16.65 1.11
N VAL A 202 -4.45 17.03 0.16
CA VAL A 202 -3.90 17.58 -1.07
C VAL A 202 -4.85 18.50 -1.79
N VAL A 203 -4.26 19.45 -2.52
CA VAL A 203 -5.03 20.41 -3.29
C VAL A 203 -5.17 19.86 -4.72
N LEU A 204 -6.42 19.70 -5.16
CA LEU A 204 -6.68 19.21 -6.50
C LEU A 204 -6.45 20.32 -7.53
N ALA A 205 -6.34 19.93 -8.79
CA ALA A 205 -6.11 20.90 -9.85
C ALA A 205 -7.19 21.97 -9.82
N ASN A 206 -8.38 21.61 -9.37
CA ASN A 206 -9.49 22.54 -9.26
C ASN A 206 -9.45 23.33 -7.97
N GLY A 207 -8.37 23.18 -7.22
CA GLY A 207 -8.20 23.90 -5.96
C GLY A 207 -9.02 23.39 -4.79
N GLU A 208 -9.83 22.36 -4.99
CA GLU A 208 -10.61 21.86 -3.88
C GLU A 208 -9.75 21.01 -2.92
N LEU A 209 -10.05 21.06 -1.62
CA LEU A 209 -9.29 20.27 -0.64
C LEU A 209 -9.80 18.86 -0.54
N LEU A 210 -8.93 17.96 -0.09
CA LEU A 210 -9.33 16.57 0.04
C LEU A 210 -8.45 15.75 0.96
N ARG A 211 -9.02 15.23 2.04
CA ARG A 211 -8.22 14.39 2.91
C ARG A 211 -8.42 12.98 2.37
N THR A 212 -7.68 11.99 2.85
CA THR A 212 -7.85 10.64 2.31
C THR A 212 -7.87 9.57 3.39
N GLY A 213 -8.28 8.38 2.98
CA GLY A 213 -8.35 7.29 3.94
C GLY A 213 -9.34 7.78 4.98
N MET A 214 -9.10 7.39 6.23
CA MET A 214 -9.95 7.82 7.32
C MET A 214 -9.92 9.34 7.47
N GLY A 215 -9.02 9.99 6.74
CA GLY A 215 -8.90 11.44 6.78
C GLY A 215 -10.25 12.05 6.40
N ALA A 216 -11.02 11.31 5.59
CA ALA A 216 -12.34 11.73 5.13
C ALA A 216 -13.45 11.71 6.18
N LEU A 217 -13.31 10.85 7.18
CA LEU A 217 -14.33 10.78 8.22
C LEU A 217 -14.04 12.02 9.05
N PRO A 218 -15.00 12.92 9.16
CA PRO A 218 -14.85 14.15 9.92
C PRO A 218 -14.79 14.04 11.44
N ASP A 219 -13.92 14.83 12.06
CA ASP A 219 -13.80 14.83 13.51
C ASP A 219 -15.10 15.52 13.96
N PRO A 220 -15.80 14.94 14.92
CA PRO A 220 -17.04 15.53 15.40
C PRO A 220 -16.83 16.96 15.89
N LYS A 221 -17.86 17.77 15.74
CA LYS A 221 -17.75 19.15 16.17
C LYS A 221 -17.86 19.51 17.64
N ARG A 222 -16.79 20.06 18.17
CA ARG A 222 -16.74 20.52 19.55
C ARG A 222 -16.80 22.04 19.50
N PRO A 223 -17.24 22.71 20.56
CA PRO A 223 -17.32 24.16 20.53
C PRO A 223 -15.99 24.77 20.18
N GLU A 224 -14.91 24.22 20.72
CA GLU A 224 -13.57 24.74 20.45
C GLU A 224 -13.07 24.81 19.01
N THR A 225 -13.52 23.87 18.18
CA THR A 225 -13.14 23.80 16.77
C THR A 225 -14.05 24.53 15.78
N MET A 226 -15.08 25.18 16.29
CA MET A 226 -16.01 25.90 15.42
C MET A 226 -15.32 26.96 14.58
N GLY A 227 -15.92 27.28 13.45
CA GLY A 227 -15.37 28.30 12.57
C GLY A 227 -14.05 27.99 11.89
N LEU A 228 -13.32 26.97 12.33
CA LEU A 228 -12.07 26.68 11.65
C LEU A 228 -12.17 26.45 10.15
N LYS A 229 -11.18 26.95 9.42
CA LYS A 229 -11.17 26.76 7.98
C LYS A 229 -10.82 25.28 7.84
N PRO A 230 -11.24 24.67 6.73
CA PRO A 230 -10.96 23.26 6.52
C PRO A 230 -9.51 22.87 6.69
N GLU A 231 -8.61 23.59 6.03
CA GLU A 231 -7.21 23.24 6.17
C GLU A 231 -6.70 23.21 7.60
N ASP A 232 -7.35 23.97 8.47
CA ASP A 232 -6.99 24.07 9.89
C ASP A 232 -7.73 23.10 10.81
N GLN A 233 -8.79 22.49 10.28
CA GLN A 233 -9.60 21.53 11.05
C GLN A 233 -8.83 20.27 11.43
N PRO A 234 -9.08 19.77 12.63
CA PRO A 234 -8.39 18.56 13.08
C PRO A 234 -8.88 17.31 12.38
N TRP A 235 -8.03 16.29 12.41
CA TRP A 235 -8.33 15.00 11.81
C TRP A 235 -9.09 14.15 12.82
N SER A 236 -9.86 13.18 12.34
CA SER A 236 -10.60 12.30 13.23
C SER A 236 -9.56 11.37 13.86
N LYS A 237 -9.93 10.72 14.96
CA LYS A 237 -9.00 9.82 15.64
C LYS A 237 -8.32 8.69 14.88
N ILE A 238 -9.06 8.02 14.01
CA ILE A 238 -8.48 6.93 13.24
C ILE A 238 -7.69 7.30 11.99
N ALA A 239 -7.82 8.54 11.53
CA ALA A 239 -7.15 9.03 10.33
C ALA A 239 -5.73 8.58 10.11
N HIS A 240 -4.90 8.73 11.14
CA HIS A 240 -3.50 8.33 11.04
C HIS A 240 -3.14 6.90 11.44
N LEU A 241 -4.14 6.19 11.97
CA LEU A 241 -4.00 4.81 12.41
C LEU A 241 -4.30 3.70 11.40
N PHE A 242 -5.14 3.99 10.42
CA PHE A 242 -5.52 2.98 9.42
C PHE A 242 -5.69 3.73 8.11
N PRO A 243 -4.85 3.31 7.17
CA PRO A 243 -4.78 3.88 5.85
C PRO A 243 -5.89 3.67 4.84
N TYR A 244 -6.54 2.52 4.88
CA TYR A 244 -7.60 2.24 3.91
C TYR A 244 -8.91 3.01 3.85
N GLY A 245 -9.46 3.43 4.97
CA GLY A 245 -10.72 4.15 4.85
C GLY A 245 -11.76 3.15 4.33
N PHE A 246 -12.58 3.62 3.40
CA PHE A 246 -13.65 2.83 2.79
C PHE A 246 -13.71 3.23 1.33
N GLY A 247 -14.11 2.30 0.45
CA GLY A 247 -14.18 2.58 -0.99
C GLY A 247 -12.79 2.53 -1.61
N PRO A 248 -12.60 2.98 -2.84
CA PRO A 248 -11.30 2.95 -3.51
C PRO A 248 -10.16 3.61 -2.75
N TYR A 249 -9.02 2.93 -2.72
CA TYR A 249 -7.86 3.46 -2.03
C TYR A 249 -6.96 4.29 -2.95
N ILE A 250 -7.29 5.58 -3.05
CA ILE A 250 -6.59 6.54 -3.90
C ILE A 250 -5.21 7.12 -3.60
N ASP A 251 -4.70 6.87 -2.40
CA ASP A 251 -3.38 7.41 -2.03
C ASP A 251 -2.28 7.23 -3.06
N GLY A 252 -2.22 6.06 -3.68
CA GLY A 252 -1.18 5.82 -4.68
C GLY A 252 -1.22 6.81 -5.84
N LEU A 253 -2.41 7.31 -6.20
CA LEU A 253 -2.50 8.25 -7.31
C LEU A 253 -1.61 9.45 -7.03
N PHE A 254 -1.31 9.64 -5.75
CA PHE A 254 -0.47 10.74 -5.35
C PHE A 254 1.03 10.50 -5.26
N SER A 255 1.45 9.26 -5.47
CA SER A 255 2.88 8.95 -5.43
C SER A 255 3.48 9.06 -6.83
N GLN A 256 4.63 9.74 -6.94
CA GLN A 256 5.28 9.88 -8.23
C GLN A 256 4.36 10.33 -9.35
N SER A 257 3.51 11.30 -9.07
CA SER A 257 2.58 11.75 -10.11
C SER A 257 2.07 13.16 -9.91
N ASN A 258 1.58 13.70 -11.02
CA ASN A 258 1.00 15.04 -11.13
C ASN A 258 -0.48 15.19 -10.80
N MET A 259 -1.10 14.17 -10.22
CA MET A 259 -2.53 14.23 -9.87
C MET A 259 -2.95 15.35 -8.91
N GLY A 260 -2.03 15.83 -8.10
CA GLY A 260 -2.36 16.92 -7.16
C GLY A 260 -1.22 17.27 -6.22
N ILE A 261 -1.35 18.40 -5.52
CA ILE A 261 -0.36 18.90 -4.57
C ILE A 261 -0.63 18.44 -3.14
N VAL A 262 0.32 17.79 -2.50
CA VAL A 262 0.15 17.34 -1.12
C VAL A 262 0.47 18.40 -0.07
N THR A 263 -0.42 18.61 0.90
CA THR A 263 -0.17 19.60 1.96
C THR A 263 0.30 19.13 3.33
N LYS A 264 -0.08 17.92 3.71
CA LYS A 264 0.31 17.41 5.02
C LYS A 264 0.22 15.91 4.80
N ILE A 265 0.79 15.15 5.74
CA ILE A 265 0.75 13.72 5.59
C ILE A 265 1.10 13.01 6.89
N GLY A 266 0.39 11.92 7.16
CA GLY A 266 0.61 11.11 8.36
C GLY A 266 1.78 10.16 8.09
N ILE A 267 2.60 9.91 9.10
CA ILE A 267 3.74 9.02 8.92
C ILE A 267 4.00 8.26 10.19
N TRP A 268 4.19 6.97 10.05
CA TRP A 268 4.44 6.19 11.23
C TRP A 268 5.79 6.42 11.89
N LEU A 269 5.93 5.98 13.14
CA LEU A 269 7.16 6.13 13.90
C LEU A 269 7.35 4.86 14.72
N MET A 270 8.55 4.30 14.61
CA MET A 270 8.86 3.09 15.34
C MET A 270 9.15 3.38 16.80
N PRO A 271 8.48 2.63 17.66
CA PRO A 271 8.65 2.78 19.09
C PRO A 271 10.08 2.34 19.33
N ASN A 272 10.71 2.94 20.35
CA ASN A 272 12.08 2.58 20.68
C ASN A 272 12.07 1.08 20.94
N PRO A 273 12.92 0.37 20.20
CA PRO A 273 13.04 -1.07 20.31
C PRO A 273 13.68 -1.65 21.57
N ARG A 274 14.30 -0.82 22.38
CA ARG A 274 14.93 -1.33 23.59
C ARG A 274 16.21 -2.15 23.38
N GLY A 275 16.90 -1.94 22.27
CA GLY A 275 18.13 -2.68 21.99
C GLY A 275 18.66 -2.35 20.60
N TYR A 276 19.98 -2.27 20.45
CA TYR A 276 20.55 -1.96 19.14
C TYR A 276 22.05 -2.22 19.09
N GLN A 277 22.49 -2.67 17.92
CA GLN A 277 23.89 -2.96 17.69
C GLN A 277 24.00 -3.11 16.19
N SER A 278 24.73 -2.17 15.58
CA SER A 278 24.94 -2.21 14.15
C SER A 278 26.01 -3.27 13.98
N TYR A 279 26.31 -3.66 12.75
CA TYR A 279 27.34 -4.67 12.56
C TYR A 279 27.83 -4.54 11.14
N LEU A 280 28.85 -5.32 10.83
CA LEU A 280 29.43 -5.29 9.50
C LEU A 280 29.97 -6.67 9.18
N ILE A 281 30.04 -6.95 7.88
CA ILE A 281 30.53 -8.24 7.44
C ILE A 281 31.12 -7.90 6.10
N THR A 282 32.44 -8.02 6.04
CA THR A 282 33.15 -7.72 4.82
C THR A 282 33.31 -8.97 3.97
N LEU A 283 32.89 -8.90 2.71
CA LEU A 283 33.02 -10.03 1.80
C LEU A 283 34.36 -9.78 1.10
N PRO A 284 35.27 -10.76 1.13
CA PRO A 284 36.58 -10.56 0.49
C PRO A 284 36.62 -10.34 -1.01
N LYS A 285 36.14 -11.32 -1.75
CA LYS A 285 36.11 -11.27 -3.21
C LYS A 285 34.94 -10.55 -3.90
N ASP A 286 35.13 -10.17 -5.16
CA ASP A 286 34.12 -9.48 -5.97
C ASP A 286 32.97 -10.46 -6.19
N GLY A 287 33.34 -11.69 -6.56
CA GLY A 287 32.40 -12.77 -6.83
C GLY A 287 31.59 -13.19 -5.61
N ASP A 288 32.04 -12.80 -4.43
CA ASP A 288 31.28 -13.16 -3.24
C ASP A 288 29.89 -12.53 -3.22
N LEU A 289 29.68 -11.54 -4.08
CA LEU A 289 28.40 -10.86 -4.15
C LEU A 289 27.30 -11.89 -4.35
N LYS A 290 27.57 -12.85 -5.22
CA LYS A 290 26.61 -13.92 -5.52
C LYS A 290 26.20 -14.76 -4.33
N GLN A 291 27.14 -15.43 -3.67
CA GLN A 291 26.72 -16.24 -2.54
C GLN A 291 26.09 -15.41 -1.45
N ALA A 292 26.64 -14.24 -1.20
CA ALA A 292 26.10 -13.40 -0.15
C ALA A 292 24.61 -13.14 -0.36
N VAL A 293 24.24 -12.79 -1.59
CA VAL A 293 22.83 -12.52 -1.88
C VAL A 293 21.98 -13.74 -1.57
N ASP A 294 22.43 -14.90 -2.04
CA ASP A 294 21.67 -16.12 -1.79
C ASP A 294 21.57 -16.44 -0.32
N ILE A 295 22.62 -16.14 0.44
CA ILE A 295 22.58 -16.42 1.86
C ILE A 295 21.55 -15.50 2.50
N ILE A 296 21.44 -14.30 1.93
CA ILE A 296 20.52 -13.28 2.42
C ILE A 296 19.03 -13.48 2.19
N ARG A 297 18.69 -13.99 1.02
CA ARG A 297 17.29 -14.20 0.64
C ARG A 297 16.41 -14.77 1.75
N PRO A 298 16.81 -15.90 2.29
CA PRO A 298 16.06 -16.55 3.37
C PRO A 298 16.10 -15.79 4.69
N LEU A 299 17.24 -15.14 4.96
CA LEU A 299 17.33 -14.40 6.21
C LEU A 299 16.33 -13.25 6.18
N ARG A 300 16.15 -12.67 5.00
CA ARG A 300 15.20 -11.59 4.88
C ARG A 300 13.77 -12.05 5.04
N LEU A 301 13.38 -13.08 4.30
CA LEU A 301 12.01 -13.58 4.40
C LEU A 301 11.74 -14.11 5.80
N GLY A 302 12.75 -14.77 6.35
CA GLY A 302 12.67 -15.34 7.70
C GLY A 302 12.71 -14.31 8.83
N MET A 303 12.85 -13.04 8.49
CA MET A 303 12.91 -12.03 9.53
C MET A 303 14.14 -12.02 10.46
N ALA A 304 15.21 -12.65 9.99
CA ALA A 304 16.47 -12.71 10.74
C ALA A 304 17.02 -11.28 10.62
N LEU A 305 17.08 -10.81 9.38
CA LEU A 305 17.55 -9.47 9.08
C LEU A 305 16.31 -8.59 9.29
N GLN A 306 16.35 -7.68 10.26
CA GLN A 306 15.20 -6.84 10.54
C GLN A 306 14.93 -5.58 9.72
N ASN A 307 15.93 -4.71 9.62
CA ASN A 307 15.84 -3.47 8.87
C ASN A 307 16.24 -3.66 7.41
N VAL A 308 16.38 -2.55 6.69
CA VAL A 308 16.79 -2.61 5.29
C VAL A 308 18.32 -2.58 5.31
N PRO A 309 18.97 -3.73 5.18
CA PRO A 309 20.43 -3.79 5.19
C PRO A 309 20.89 -3.35 3.81
N THR A 310 22.20 -3.21 3.60
CA THR A 310 22.68 -2.78 2.30
C THR A 310 24.09 -3.26 2.03
N ILE A 311 24.27 -3.83 0.84
CA ILE A 311 25.56 -4.34 0.41
C ILE A 311 26.25 -3.18 -0.30
N ARG A 312 27.33 -2.67 0.27
CA ARG A 312 28.03 -1.56 -0.36
C ARG A 312 29.28 -1.95 -1.15
N HIS A 313 29.45 -1.34 -2.31
CA HIS A 313 30.62 -1.61 -3.15
C HIS A 313 31.82 -0.97 -2.46
N ILE A 314 33.02 -1.44 -2.76
CA ILE A 314 34.22 -0.90 -2.14
C ILE A 314 34.43 0.59 -2.34
N LEU A 315 34.32 1.04 -3.59
CA LEU A 315 34.52 2.45 -3.86
C LEU A 315 33.55 3.39 -3.15
N LEU A 316 32.34 2.93 -2.91
CA LEU A 316 31.40 3.82 -2.24
C LEU A 316 31.92 4.21 -0.86
N ASP A 317 32.39 3.21 -0.11
CA ASP A 317 32.91 3.49 1.22
C ASP A 317 34.18 4.31 1.14
N ALA A 318 34.98 4.06 0.11
CA ALA A 318 36.20 4.83 -0.02
C ALA A 318 35.91 6.26 -0.44
N ALA A 319 34.90 6.47 -1.29
CA ALA A 319 34.55 7.80 -1.75
C ALA A 319 34.23 8.68 -0.56
N VAL A 320 33.68 8.04 0.47
CA VAL A 320 33.32 8.72 1.70
C VAL A 320 34.60 9.03 2.45
N LEU A 321 35.56 8.12 2.35
CA LEU A 321 36.86 8.27 2.99
C LEU A 321 37.86 9.08 2.19
N GLY A 322 37.72 9.09 0.87
CA GLY A 322 38.65 9.83 0.03
C GLY A 322 38.32 9.97 -1.46
N ASP A 323 38.94 11.02 -2.01
CA ASP A 323 38.86 11.48 -3.39
C ASP A 323 39.55 10.45 -4.29
N LYS A 324 39.17 10.35 -5.56
CA LYS A 324 39.83 9.37 -6.40
C LYS A 324 41.30 9.79 -6.45
N ARG A 325 41.53 11.10 -6.48
CA ARG A 325 42.90 11.63 -6.51
C ARG A 325 43.71 11.15 -5.32
N SER A 326 43.08 11.00 -4.16
CA SER A 326 43.78 10.53 -2.97
C SER A 326 44.07 9.03 -3.01
N TYR A 327 43.87 8.40 -4.16
CA TYR A 327 44.11 6.97 -4.27
C TYR A 327 44.82 6.61 -5.56
N SER A 328 44.74 7.47 -6.58
CA SER A 328 45.41 7.19 -7.84
C SER A 328 45.42 8.36 -8.81
N SER A 329 46.59 8.62 -9.39
CA SER A 329 46.77 9.69 -10.35
C SER A 329 46.14 9.31 -11.67
N ARG A 330 45.76 8.04 -11.77
CA ARG A 330 45.14 7.50 -12.98
C ARG A 330 43.82 8.20 -13.31
N THR A 331 43.66 8.57 -14.57
CA THR A 331 42.45 9.21 -15.07
C THR A 331 41.40 8.30 -15.63
N GLU A 332 41.48 7.00 -15.35
CA GLU A 332 40.51 6.05 -15.89
C GLU A 332 40.03 5.07 -14.83
N PRO A 333 39.04 4.25 -15.17
CA PRO A 333 38.50 3.29 -14.24
C PRO A 333 39.60 2.46 -13.60
N LEU A 334 39.56 2.39 -12.27
CA LEU A 334 40.54 1.63 -11.52
C LEU A 334 40.38 0.13 -11.77
N SER A 335 41.51 -0.56 -11.84
CA SER A 335 41.53 -2.00 -12.08
C SER A 335 41.11 -2.84 -10.88
N ASP A 336 40.73 -4.09 -11.15
CA ASP A 336 40.33 -4.98 -10.06
C ASP A 336 41.48 -5.09 -9.10
N GLU A 337 42.70 -5.02 -9.62
CA GLU A 337 43.88 -5.12 -8.77
C GLU A 337 43.86 -3.93 -7.83
N GLU A 338 43.72 -2.74 -8.40
CA GLU A 338 43.68 -1.54 -7.59
C GLU A 338 42.55 -1.57 -6.58
N LEU A 339 41.44 -2.18 -6.97
CA LEU A 339 40.29 -2.26 -6.08
C LEU A 339 40.64 -3.17 -4.91
N ASP A 340 41.33 -4.28 -5.19
CA ASP A 340 41.70 -5.20 -4.11
C ASP A 340 42.64 -4.51 -3.13
N LYS A 341 43.51 -3.67 -3.67
CA LYS A 341 44.48 -2.94 -2.87
C LYS A 341 43.87 -1.96 -1.88
N ILE A 342 42.92 -1.17 -2.37
CA ILE A 342 42.25 -0.19 -1.53
C ILE A 342 41.51 -0.83 -0.37
N ALA A 343 40.99 -2.03 -0.60
CA ALA A 343 40.26 -2.72 0.45
C ALA A 343 41.20 -3.14 1.55
N LYS A 344 42.41 -3.54 1.15
CA LYS A 344 43.40 -3.95 2.12
C LYS A 344 43.77 -2.72 2.93
N GLN A 345 43.88 -1.57 2.29
CA GLN A 345 44.24 -0.36 3.02
C GLN A 345 43.20 0.02 4.06
N LEU A 346 41.93 0.00 3.66
CA LEU A 346 40.81 0.34 4.51
C LEU A 346 40.23 -0.77 5.40
N ASN A 347 40.71 -2.00 5.23
CA ASN A 347 40.21 -3.13 5.99
C ASN A 347 38.84 -3.71 5.63
N LEU A 348 38.33 -3.21 4.51
CA LEU A 348 37.05 -3.61 3.95
C LEU A 348 37.18 -4.72 2.90
N GLY A 349 36.06 -5.38 2.62
CA GLY A 349 35.96 -6.44 1.64
C GLY A 349 35.68 -5.78 0.28
N ARG A 350 35.64 -6.58 -0.79
CA ARG A 350 35.37 -6.03 -2.13
C ARG A 350 33.88 -5.68 -2.25
N TRP A 351 33.15 -6.05 -1.20
CA TRP A 351 31.71 -5.84 -1.02
C TRP A 351 31.59 -5.81 0.49
N ASN A 352 30.67 -5.01 1.03
CA ASN A 352 30.55 -4.94 2.48
C ASN A 352 29.11 -4.74 2.92
N PHE A 353 28.63 -5.74 3.65
CA PHE A 353 27.28 -5.80 4.18
C PHE A 353 27.05 -5.11 5.52
N TYR A 354 26.37 -3.98 5.49
CA TYR A 354 26.06 -3.25 6.72
C TYR A 354 24.62 -3.66 7.03
N GLY A 355 24.25 -3.71 8.31
CA GLY A 355 22.90 -4.10 8.72
C GLY A 355 22.75 -3.82 10.21
N ALA A 356 21.73 -4.40 10.84
CA ALA A 356 21.54 -4.15 12.26
C ALA A 356 20.58 -5.10 12.94
N LEU A 357 20.59 -5.02 14.27
CA LEU A 357 19.76 -5.86 15.12
C LEU A 357 19.07 -4.90 16.09
N TYR A 358 17.81 -5.22 16.38
CA TYR A 358 17.00 -4.39 17.25
C TYR A 358 16.15 -5.29 18.13
N GLY A 359 16.15 -5.02 19.44
CA GLY A 359 15.36 -5.83 20.35
C GLY A 359 16.11 -6.09 21.65
N PRO A 360 15.47 -6.82 22.56
CA PRO A 360 16.13 -7.13 23.81
C PRO A 360 17.29 -8.04 23.45
N GLU A 361 18.23 -8.19 24.38
CA GLU A 361 19.41 -9.00 24.14
C GLU A 361 19.18 -10.44 23.72
N PRO A 362 18.24 -11.13 24.36
CA PRO A 362 17.98 -12.52 24.00
C PRO A 362 17.60 -12.67 22.54
N ILE A 363 16.85 -11.70 22.01
CA ILE A 363 16.47 -11.77 20.60
C ILE A 363 17.71 -11.45 19.80
N ARG A 364 18.34 -10.34 20.15
CA ARG A 364 19.55 -9.92 19.48
C ARG A 364 20.64 -11.00 19.46
N ARG A 365 20.91 -11.60 20.61
CA ARG A 365 21.94 -12.64 20.67
C ARG A 365 21.62 -13.78 19.73
N VAL A 366 20.37 -14.23 19.78
CA VAL A 366 19.97 -15.33 18.93
C VAL A 366 20.10 -15.00 17.44
N LEU A 367 19.64 -13.81 17.05
CA LEU A 367 19.72 -13.41 15.65
C LEU A 367 21.17 -13.30 15.21
N TRP A 368 21.98 -12.71 16.08
CA TRP A 368 23.38 -12.56 15.76
C TRP A 368 24.09 -13.86 15.45
N GLU A 369 23.68 -14.91 16.15
CA GLU A 369 24.27 -16.22 15.94
C GLU A 369 23.92 -16.68 14.53
N THR A 370 22.62 -16.69 14.27
CA THR A 370 22.11 -17.12 12.98
C THR A 370 22.77 -16.41 11.81
N ILE A 371 22.86 -15.09 11.95
CA ILE A 371 23.46 -14.31 10.90
C ILE A 371 24.92 -14.66 10.74
N LYS A 372 25.67 -14.60 11.85
CA LYS A 372 27.09 -14.91 11.79
C LYS A 372 27.33 -16.33 11.29
N ASP A 373 26.54 -17.26 11.78
CA ASP A 373 26.69 -18.65 11.35
C ASP A 373 26.38 -18.82 9.88
N ALA A 374 25.39 -18.08 9.38
CA ALA A 374 25.02 -18.18 7.97
C ALA A 374 26.07 -17.64 7.01
N PHE A 375 26.56 -16.44 7.29
CA PHE A 375 27.59 -15.81 6.46
C PHE A 375 28.95 -16.49 6.46
N SER A 376 29.18 -17.35 7.45
CA SER A 376 30.46 -18.06 7.56
C SER A 376 30.76 -19.01 6.41
N ALA A 377 29.73 -19.40 5.67
CA ALA A 377 29.91 -20.30 4.53
C ALA A 377 30.85 -19.63 3.56
N ILE A 378 30.92 -18.30 3.65
CA ILE A 378 31.80 -17.51 2.79
C ILE A 378 33.21 -17.55 3.36
N PRO A 379 34.15 -17.99 2.52
CA PRO A 379 35.54 -18.06 2.94
C PRO A 379 36.05 -16.64 3.10
N GLY A 380 36.78 -16.39 4.18
CA GLY A 380 37.36 -15.09 4.47
C GLY A 380 36.47 -13.97 5.02
N VAL A 381 35.21 -14.26 5.28
CA VAL A 381 34.33 -13.22 5.81
C VAL A 381 34.91 -12.80 7.16
N LYS A 382 34.61 -11.57 7.59
CA LYS A 382 35.10 -11.01 8.86
C LYS A 382 34.07 -10.01 9.40
N PHE A 383 33.56 -10.27 10.59
CA PHE A 383 32.56 -9.45 11.26
C PHE A 383 32.95 -8.33 12.22
N TYR A 384 32.70 -7.06 11.89
CA TYR A 384 33.07 -6.02 12.84
C TYR A 384 31.91 -5.23 13.44
N PHE A 385 32.05 -4.86 14.70
CA PHE A 385 31.04 -4.05 15.37
C PHE A 385 31.62 -2.66 15.20
N PRO A 386 30.80 -1.62 15.34
CA PRO A 386 31.31 -0.26 15.16
C PRO A 386 32.52 0.03 16.04
N GLU A 387 32.48 -0.49 17.27
CA GLU A 387 33.57 -0.28 18.21
C GLU A 387 34.88 -0.79 17.62
N ASP A 388 34.81 -1.97 17.01
CA ASP A 388 35.94 -2.63 16.38
C ASP A 388 36.53 -1.90 15.19
N THR A 389 36.19 -0.64 14.99
CA THR A 389 36.77 0.00 13.81
C THR A 389 37.23 1.42 14.04
N PRO A 390 38.07 1.86 13.10
CA PRO A 390 38.63 3.19 13.14
C PRO A 390 37.54 4.25 13.24
N GLU A 391 37.85 5.29 14.01
CA GLU A 391 36.97 6.43 14.25
C GLU A 391 36.58 7.36 13.10
N ASN A 392 36.49 6.79 11.89
CA ASN A 392 36.14 7.55 10.69
C ASN A 392 35.36 6.61 9.79
N SER A 393 35.41 5.33 10.13
CA SER A 393 34.74 4.28 9.39
C SER A 393 33.29 4.60 9.05
N VAL A 394 32.91 4.10 7.88
CA VAL A 394 31.57 4.26 7.34
C VAL A 394 30.60 3.63 8.31
N LEU A 395 31.07 2.58 8.98
CA LEU A 395 30.23 1.89 9.93
C LEU A 395 29.81 2.78 11.09
N ARG A 396 30.76 3.54 11.60
CA ARG A 396 30.46 4.42 12.72
C ARG A 396 29.34 5.38 12.33
N VAL A 397 29.27 5.67 11.04
CA VAL A 397 28.25 6.56 10.52
C VAL A 397 26.90 5.88 10.33
N ARG A 398 26.89 4.75 9.66
CA ARG A 398 25.62 4.06 9.44
C ARG A 398 24.99 3.58 10.73
N ASP A 399 25.81 3.47 11.77
CA ASP A 399 25.35 3.04 13.07
C ASP A 399 24.30 4.06 13.54
N LYS A 400 24.48 5.32 13.14
CA LYS A 400 23.55 6.39 13.50
C LYS A 400 22.37 6.37 12.55
N THR A 401 22.68 6.17 11.26
CA THR A 401 21.63 6.13 10.25
C THR A 401 20.68 5.00 10.58
N MET A 402 21.24 3.88 11.00
CA MET A 402 20.44 2.72 11.36
C MET A 402 19.63 2.82 12.64
N GLN A 403 19.66 4.00 13.25
CA GLN A 403 18.91 4.22 14.49
C GLN A 403 18.17 5.55 14.46
N GLY A 404 17.92 6.03 13.24
CA GLY A 404 17.20 7.29 13.05
C GLY A 404 17.99 8.58 13.18
N ILE A 405 19.28 8.49 13.46
CA ILE A 405 20.07 9.69 13.58
C ILE A 405 20.55 10.13 12.20
N PRO A 406 20.13 11.33 11.78
CA PRO A 406 20.51 11.86 10.47
C PRO A 406 21.97 12.27 10.50
N THR A 407 22.55 12.49 9.33
CA THR A 407 23.94 12.89 9.24
C THR A 407 24.12 13.51 7.86
N TYR A 408 25.35 13.87 7.54
CA TYR A 408 25.61 14.46 6.24
C TYR A 408 26.98 13.97 5.81
N ASP A 409 27.57 13.11 6.63
CA ASP A 409 28.87 12.58 6.30
C ASP A 409 28.92 11.95 4.92
N GLU A 410 27.85 11.27 4.50
CA GLU A 410 27.90 10.67 3.18
C GLU A 410 28.07 11.53 1.93
N LEU A 411 27.74 12.81 1.99
CA LEU A 411 27.91 13.64 0.79
C LEU A 411 29.33 13.60 0.26
N LYS A 412 30.26 13.28 1.15
CA LYS A 412 31.68 13.21 0.80
C LYS A 412 31.88 12.36 -0.45
N TRP A 413 31.09 11.31 -0.62
CA TRP A 413 31.30 10.50 -1.81
C TRP A 413 31.03 11.23 -3.12
N ILE A 414 30.19 12.25 -3.10
CA ILE A 414 29.91 12.98 -4.34
C ILE A 414 31.21 13.57 -4.85
N ASP A 415 32.14 13.82 -3.93
CA ASP A 415 33.45 14.38 -4.23
C ASP A 415 34.54 13.55 -4.90
N TRP A 416 34.22 12.32 -5.33
CA TRP A 416 35.19 11.42 -5.97
C TRP A 416 35.91 12.17 -7.10
N LEU A 417 35.17 12.77 -8.01
CA LEU A 417 35.74 13.56 -9.10
C LEU A 417 35.79 15.02 -8.67
N PRO A 418 36.36 15.89 -9.49
CA PRO A 418 36.46 17.29 -9.13
C PRO A 418 35.09 17.91 -8.90
N ASN A 419 34.45 18.35 -9.98
CA ASN A 419 33.15 18.96 -9.79
C ASN A 419 32.14 17.83 -9.67
N GLY A 420 31.90 17.43 -8.42
CA GLY A 420 30.98 16.36 -8.12
C GLY A 420 29.55 16.61 -8.56
N ALA A 421 28.90 15.55 -9.01
CA ALA A 421 27.53 15.69 -9.44
C ALA A 421 27.02 14.26 -9.48
N HIS A 422 25.94 14.06 -8.75
CA HIS A 422 25.34 12.75 -8.70
C HIS A 422 24.21 12.45 -9.68
N LEU A 423 24.11 11.18 -10.06
CA LEU A 423 23.07 10.76 -11.00
C LEU A 423 22.84 9.28 -10.70
N PHE A 424 21.65 9.00 -10.22
CA PHE A 424 21.28 7.64 -9.87
C PHE A 424 20.60 6.78 -10.91
N PHE A 425 21.19 5.63 -11.22
CA PHE A 425 20.56 4.72 -12.15
C PHE A 425 19.96 3.75 -11.12
N SER A 426 18.69 3.37 -11.21
CA SER A 426 18.18 2.48 -10.18
C SER A 426 17.20 1.41 -10.63
N PRO A 427 17.79 0.32 -11.11
CA PRO A 427 17.03 -0.82 -11.57
C PRO A 427 16.73 -1.66 -10.35
N ILE A 428 15.62 -2.38 -10.39
CA ILE A 428 15.29 -3.25 -9.28
C ILE A 428 15.89 -4.60 -9.64
N ALA A 429 16.16 -5.43 -8.65
CA ALA A 429 16.75 -6.74 -8.92
C ALA A 429 16.31 -7.73 -7.86
N LYS A 430 16.21 -8.99 -8.29
CA LYS A 430 15.81 -10.07 -7.41
C LYS A 430 16.80 -10.31 -6.28
N VAL A 431 16.28 -10.92 -5.22
CA VAL A 431 17.11 -11.25 -4.07
C VAL A 431 17.78 -12.57 -4.46
N SER A 432 18.46 -12.57 -5.59
CA SER A 432 19.13 -13.77 -6.11
C SER A 432 20.55 -13.47 -6.55
N GLY A 433 21.46 -14.36 -6.17
CA GLY A 433 22.86 -14.20 -6.51
C GLY A 433 23.08 -14.18 -8.00
N GLU A 434 22.33 -15.01 -8.71
CA GLU A 434 22.51 -15.04 -10.15
C GLU A 434 22.00 -13.79 -10.84
N ASP A 435 20.83 -13.33 -10.44
CA ASP A 435 20.24 -12.13 -11.04
C ASP A 435 21.08 -10.90 -10.68
N ALA A 436 21.43 -10.82 -9.40
CA ALA A 436 22.22 -9.69 -8.91
C ALA A 436 23.57 -9.65 -9.59
N MET A 437 24.12 -10.81 -9.85
CA MET A 437 25.42 -10.87 -10.49
C MET A 437 25.32 -10.37 -11.92
N MET A 438 24.29 -10.80 -12.65
CA MET A 438 24.13 -10.37 -14.03
C MET A 438 23.91 -8.86 -14.14
N GLN A 439 23.10 -8.32 -13.24
CA GLN A 439 22.83 -6.90 -13.30
C GLN A 439 24.10 -6.08 -13.07
N TYR A 440 24.89 -6.47 -12.07
CA TYR A 440 26.13 -5.79 -11.77
C TYR A 440 27.11 -5.75 -12.93
N ALA A 441 27.25 -6.89 -13.60
CA ALA A 441 28.16 -7.00 -14.73
C ALA A 441 27.74 -6.12 -15.90
N VAL A 442 26.45 -6.16 -16.19
CA VAL A 442 25.99 -5.33 -17.29
C VAL A 442 26.22 -3.87 -16.95
N THR A 443 25.85 -3.46 -15.75
CA THR A 443 26.04 -2.06 -15.36
C THR A 443 27.51 -1.68 -15.33
N LYS A 444 28.37 -2.59 -14.92
CA LYS A 444 29.79 -2.26 -14.86
C LYS A 444 30.44 -2.04 -16.22
N LYS A 445 30.22 -2.97 -17.15
CA LYS A 445 30.80 -2.87 -18.48
C LYS A 445 30.41 -1.56 -19.14
N ARG A 446 29.14 -1.18 -19.08
CA ARG A 446 28.75 0.07 -19.70
C ARG A 446 29.50 1.22 -19.04
N CYS A 447 29.65 1.15 -17.72
CA CYS A 447 30.36 2.21 -17.03
C CYS A 447 31.79 2.32 -17.53
N GLN A 448 32.42 1.17 -17.69
CA GLN A 448 33.79 1.12 -18.16
C GLN A 448 33.82 1.74 -19.56
N GLU A 449 32.84 1.40 -20.40
CA GLU A 449 32.80 1.95 -21.75
C GLU A 449 32.78 3.47 -21.75
N ALA A 450 32.12 4.04 -20.76
CA ALA A 450 32.03 5.49 -20.63
C ALA A 450 33.21 6.13 -19.90
N GLY A 451 34.15 5.30 -19.43
CA GLY A 451 35.31 5.79 -18.71
C GLY A 451 35.11 6.08 -17.21
N LEU A 452 33.93 5.74 -16.70
CA LEU A 452 33.60 5.95 -15.29
C LEU A 452 33.83 4.76 -14.36
N ASP A 453 34.12 5.04 -13.10
CA ASP A 453 34.33 3.97 -12.12
C ASP A 453 32.95 3.45 -11.70
N PHE A 454 32.76 2.14 -11.62
CA PHE A 454 31.45 1.67 -11.18
C PHE A 454 31.37 1.96 -9.69
N ILE A 455 30.17 2.24 -9.20
CA ILE A 455 29.95 2.52 -7.79
C ILE A 455 28.45 2.31 -7.58
N GLY A 456 28.11 1.65 -6.49
CA GLY A 456 26.70 1.39 -6.23
C GLY A 456 26.48 0.69 -4.89
N THR A 457 25.22 0.44 -4.57
CA THR A 457 24.89 -0.22 -3.32
C THR A 457 23.51 -0.81 -3.51
N PHE A 458 23.35 -2.04 -3.04
CA PHE A 458 22.04 -2.67 -3.13
C PHE A 458 21.40 -2.26 -1.82
N THR A 459 20.07 -2.20 -1.78
CA THR A 459 19.38 -1.83 -0.55
C THR A 459 18.37 -2.96 -0.63
N VAL A 460 18.47 -3.85 0.34
CA VAL A 460 17.62 -5.02 0.44
C VAL A 460 16.20 -5.00 0.97
N GLY A 461 15.23 -5.14 0.07
CA GLY A 461 13.82 -5.16 0.43
C GLY A 461 13.46 -6.62 0.71
N MET A 462 12.23 -6.90 1.12
CA MET A 462 11.86 -8.29 1.40
C MET A 462 12.14 -9.23 0.23
N ARG A 463 11.39 -9.06 -0.85
CA ARG A 463 11.52 -9.88 -2.06
C ARG A 463 12.30 -9.23 -3.19
N GLU A 464 12.96 -8.11 -2.89
CA GLU A 464 13.72 -7.43 -3.93
C GLU A 464 14.82 -6.54 -3.39
N MET A 465 15.61 -6.02 -4.32
CA MET A 465 16.70 -5.15 -3.97
C MET A 465 16.76 -4.06 -5.02
N HIS A 466 16.90 -2.83 -4.50
CA HIS A 466 17.00 -1.65 -5.33
C HIS A 466 18.49 -1.61 -5.61
N HIS A 467 18.89 -1.70 -6.87
CA HIS A 467 20.32 -1.64 -7.17
C HIS A 467 20.52 -0.16 -7.44
N ILE A 468 21.31 0.52 -6.62
CA ILE A 468 21.52 1.93 -6.87
C ILE A 468 22.87 2.32 -7.49
N VAL A 469 22.91 2.47 -8.81
CA VAL A 469 24.16 2.84 -9.45
C VAL A 469 24.47 4.31 -9.29
N CYS A 470 25.61 4.60 -8.66
CA CYS A 470 26.01 5.97 -8.45
C CYS A 470 26.88 6.58 -9.53
N ILE A 471 26.29 7.33 -10.45
CA ILE A 471 27.10 7.92 -11.49
C ILE A 471 27.68 9.26 -11.05
N VAL A 472 28.94 9.28 -10.64
CA VAL A 472 29.53 10.55 -10.25
C VAL A 472 30.13 11.05 -11.55
N PHE A 473 30.16 12.35 -11.76
CA PHE A 473 30.74 12.85 -12.99
C PHE A 473 31.01 14.30 -12.73
N ASN A 474 32.05 14.80 -13.40
CA ASN A 474 32.44 16.20 -13.25
C ASN A 474 31.43 17.04 -14.03
N LYS A 475 30.69 17.88 -13.31
CA LYS A 475 29.68 18.73 -13.95
C LYS A 475 30.13 19.86 -14.87
N LYS A 476 31.39 19.82 -15.29
CA LYS A 476 31.87 20.88 -16.16
C LYS A 476 32.49 20.35 -17.45
N ASP A 477 32.72 19.05 -17.49
CA ASP A 477 33.27 18.44 -18.70
C ASP A 477 32.07 18.14 -19.57
N LEU A 478 31.86 18.91 -20.64
CA LEU A 478 30.70 18.64 -21.49
C LEU A 478 30.78 17.27 -22.13
N ILE A 479 31.99 16.84 -22.47
CA ILE A 479 32.15 15.54 -23.08
C ILE A 479 31.72 14.43 -22.14
N GLN A 480 32.17 14.54 -20.89
CA GLN A 480 31.84 13.51 -19.91
C GLN A 480 30.32 13.47 -19.78
N LYS A 481 29.71 14.64 -19.74
CA LYS A 481 28.26 14.69 -19.62
C LYS A 481 27.63 13.89 -20.74
N ARG A 482 28.03 14.15 -21.98
CA ARG A 482 27.42 13.40 -23.07
C ARG A 482 27.64 11.92 -22.89
N LYS A 483 28.86 11.56 -22.49
CA LYS A 483 29.12 10.15 -22.30
C LYS A 483 28.14 9.64 -21.25
N VAL A 484 27.89 10.45 -20.23
CA VAL A 484 26.96 10.05 -19.19
C VAL A 484 25.53 9.91 -19.69
N GLN A 485 25.08 10.86 -20.52
CA GLN A 485 23.72 10.75 -21.02
C GLN A 485 23.65 9.44 -21.76
N TRP A 486 24.68 9.20 -22.56
CA TRP A 486 24.73 7.98 -23.34
C TRP A 486 24.74 6.78 -22.40
N LEU A 487 25.44 6.94 -21.28
CA LEU A 487 25.51 5.83 -20.33
C LEU A 487 24.11 5.48 -19.82
N MET A 488 23.40 6.49 -19.32
CA MET A 488 22.07 6.26 -18.81
C MET A 488 21.14 5.61 -19.81
N ARG A 489 21.00 6.25 -20.96
CA ARG A 489 20.13 5.73 -22.00
C ARG A 489 20.39 4.29 -22.40
N THR A 490 21.67 3.95 -22.49
CA THR A 490 22.01 2.59 -22.87
C THR A 490 21.68 1.65 -21.73
N LEU A 491 22.04 2.02 -20.50
CA LEU A 491 21.73 1.15 -19.37
C LEU A 491 20.24 0.88 -19.29
N ILE A 492 19.44 1.93 -19.51
CA ILE A 492 18.00 1.77 -19.46
C ILE A 492 17.55 0.68 -20.41
N ASP A 493 18.01 0.75 -21.67
CA ASP A 493 17.62 -0.25 -22.64
C ASP A 493 18.13 -1.66 -22.36
N ASP A 494 19.38 -1.79 -21.92
CA ASP A 494 19.89 -3.12 -21.66
C ASP A 494 19.14 -3.82 -20.54
N CYS A 495 19.00 -3.13 -19.41
CA CYS A 495 18.30 -3.76 -18.31
C CYS A 495 16.88 -4.08 -18.72
N ALA A 496 16.31 -3.18 -19.52
CA ALA A 496 14.95 -3.42 -19.96
C ALA A 496 14.89 -4.75 -20.70
N ALA A 497 15.85 -4.91 -21.61
CA ALA A 497 15.96 -6.12 -22.41
C ALA A 497 16.27 -7.34 -21.58
N ASN A 498 16.26 -7.21 -20.25
CA ASN A 498 16.57 -8.33 -19.36
C ASN A 498 15.60 -8.37 -18.19
N GLY A 499 14.40 -7.84 -18.38
CA GLY A 499 13.41 -7.84 -17.31
C GLY A 499 13.60 -6.81 -16.21
N TRP A 500 14.65 -5.99 -16.28
CA TRP A 500 14.83 -4.99 -15.22
C TRP A 500 14.23 -3.60 -15.42
N GLY A 501 13.47 -3.17 -14.40
CA GLY A 501 12.81 -1.87 -14.37
C GLY A 501 13.61 -0.90 -13.48
N GLU A 502 13.11 0.33 -13.33
CA GLU A 502 13.77 1.34 -12.50
C GLU A 502 12.64 1.93 -11.68
N TYR A 503 12.87 2.09 -10.38
CA TYR A 503 11.82 2.64 -9.55
C TYR A 503 11.71 4.16 -9.51
N ARG A 504 12.76 4.85 -9.96
CA ARG A 504 12.82 6.31 -9.98
C ARG A 504 13.93 6.78 -10.90
N THR A 505 13.83 8.04 -11.32
CA THR A 505 14.81 8.68 -12.17
C THR A 505 14.61 10.16 -12.31
N HIS A 506 15.64 10.71 -12.93
CA HIS A 506 15.83 12.12 -13.24
C HIS A 506 14.93 12.60 -14.36
N LEU A 507 14.60 13.89 -14.34
CA LEU A 507 13.75 14.50 -15.35
C LEU A 507 14.10 14.12 -16.79
N ALA A 508 15.39 14.15 -17.11
CA ALA A 508 15.85 13.83 -18.45
C ALA A 508 15.63 12.41 -18.93
N PHE A 509 14.94 11.60 -18.16
CA PHE A 509 14.76 10.23 -18.63
C PHE A 509 13.43 9.64 -18.21
N MET A 510 12.58 10.44 -17.57
CA MET A 510 11.30 9.93 -17.13
C MET A 510 10.55 9.44 -18.37
N ASP A 511 10.71 10.15 -19.48
CA ASP A 511 10.00 9.70 -20.67
C ASP A 511 10.49 8.33 -21.12
N GLN A 512 11.81 8.16 -21.24
CA GLN A 512 12.34 6.89 -21.68
C GLN A 512 11.97 5.76 -20.75
N ILE A 513 12.08 6.01 -19.45
CA ILE A 513 11.72 4.94 -18.54
C ILE A 513 10.24 4.59 -18.59
N MET A 514 9.37 5.58 -18.78
CA MET A 514 7.95 5.24 -18.83
C MET A 514 7.75 4.31 -20.02
N GLU A 515 8.46 4.58 -21.11
CA GLU A 515 8.33 3.72 -22.29
C GLU A 515 8.73 2.28 -22.13
N THR A 516 9.53 2.00 -21.12
CA THR A 516 9.93 0.62 -20.91
C THR A 516 8.70 -0.11 -20.37
N TYR A 517 7.89 0.61 -19.60
CA TYR A 517 6.68 0.05 -19.02
C TYR A 517 5.52 -0.21 -19.97
N ASN A 518 5.86 -0.40 -21.24
CA ASN A 518 4.87 -0.65 -22.28
C ASN A 518 4.10 -1.95 -22.51
N TRP A 519 3.91 -2.81 -21.52
CA TRP A 519 3.16 -4.04 -21.82
C TRP A 519 1.77 -3.73 -22.39
N ASN A 520 1.37 -4.51 -23.39
CA ASN A 520 0.09 -4.35 -24.06
C ASN A 520 -0.13 -3.03 -24.78
N ASN A 521 0.92 -2.53 -25.43
CA ASN A 521 0.78 -1.26 -26.15
C ASN A 521 0.69 0.02 -25.34
N SER A 522 1.51 0.10 -24.29
CA SER A 522 1.58 1.25 -23.42
C SER A 522 0.28 1.48 -22.65
N SER A 523 -0.47 0.39 -22.49
CA SER A 523 -1.75 0.43 -21.80
C SER A 523 -1.66 1.17 -20.47
N PHE A 524 -0.57 0.94 -19.75
CA PHE A 524 -0.40 1.59 -18.47
C PHE A 524 -0.40 3.11 -18.58
N LEU A 525 0.43 3.66 -19.47
CA LEU A 525 0.49 5.10 -19.63
C LEU A 525 -0.83 5.71 -20.08
N ARG A 526 -1.49 5.01 -21.00
CA ARG A 526 -2.76 5.43 -21.55
C ARG A 526 -3.81 5.55 -20.44
N PHE A 527 -3.81 4.60 -19.51
CA PHE A 527 -4.78 4.65 -18.43
C PHE A 527 -4.52 5.87 -17.57
N ASN A 528 -3.24 6.17 -17.36
CA ASN A 528 -2.91 7.32 -16.55
C ASN A 528 -3.27 8.67 -17.12
N GLU A 529 -3.00 8.85 -18.41
CA GLU A 529 -3.33 10.12 -19.06
C GLU A 529 -4.82 10.34 -18.95
N VAL A 530 -5.57 9.26 -19.01
CA VAL A 530 -7.02 9.37 -18.90
C VAL A 530 -7.33 9.95 -17.54
N LEU A 531 -6.72 9.37 -16.52
CA LEU A 531 -6.96 9.86 -15.19
C LEU A 531 -6.48 11.30 -15.07
N LYS A 532 -5.33 11.55 -15.68
CA LYS A 532 -4.74 12.88 -15.63
C LYS A 532 -5.65 13.95 -16.19
N ASN A 533 -5.99 13.82 -17.46
CA ASN A 533 -6.85 14.80 -18.09
C ASN A 533 -8.21 14.96 -17.44
N ALA A 534 -8.70 13.90 -16.84
CA ALA A 534 -10.00 13.96 -16.19
C ALA A 534 -9.93 14.87 -14.97
N VAL A 535 -8.82 14.75 -14.25
CA VAL A 535 -8.49 15.48 -13.03
C VAL A 535 -7.94 16.90 -13.17
N ASP A 536 -7.25 17.14 -14.27
CA ASP A 536 -6.65 18.43 -14.50
C ASP A 536 -6.79 18.62 -16.00
N PRO A 537 -7.90 19.23 -16.37
CA PRO A 537 -8.21 19.48 -17.76
C PRO A 537 -7.17 20.37 -18.41
N ASN A 538 -6.70 21.37 -17.68
CA ASN A 538 -5.71 22.31 -18.18
C ASN A 538 -4.24 21.93 -18.11
N GLY A 539 -3.92 20.77 -17.55
CA GLY A 539 -2.51 20.37 -17.47
C GLY A 539 -1.65 21.32 -16.65
N ILE A 540 -2.25 22.02 -15.69
CA ILE A 540 -1.54 22.96 -14.84
C ILE A 540 -0.48 22.35 -13.92
N ILE A 541 -0.80 21.21 -13.33
CA ILE A 541 0.12 20.55 -12.42
C ILE A 541 1.24 19.65 -12.93
N ALA A 542 2.48 20.11 -12.73
CA ALA A 542 3.65 19.33 -13.12
C ALA A 542 3.60 18.44 -14.36
N PRO A 543 3.07 18.94 -15.47
CA PRO A 543 2.99 18.12 -16.67
C PRO A 543 4.34 17.50 -17.01
N GLY A 544 4.29 16.24 -17.41
CA GLY A 544 5.45 15.44 -17.77
C GLY A 544 6.06 14.62 -16.63
N LYS A 545 5.59 14.81 -15.40
CA LYS A 545 6.14 14.03 -14.28
C LYS A 545 5.95 12.56 -14.63
N SER A 546 7.00 11.77 -14.43
CA SER A 546 6.95 10.34 -14.71
C SER A 546 6.57 10.06 -16.17
N GLY A 547 6.59 11.09 -16.99
CA GLY A 547 6.24 10.91 -18.39
C GLY A 547 4.76 11.10 -18.70
N VAL A 548 3.93 11.38 -17.71
CA VAL A 548 2.52 11.58 -18.01
C VAL A 548 2.26 13.00 -18.52
N TRP A 549 1.84 13.12 -19.77
CA TRP A 549 1.55 14.41 -20.38
C TRP A 549 0.07 14.79 -20.55
N PRO A 550 -0.30 16.01 -20.21
CA PRO A 550 -1.70 16.42 -20.39
C PRO A 550 -1.92 16.49 -21.90
N SER A 551 -3.19 16.49 -22.33
CA SER A 551 -3.49 16.56 -23.76
C SER A 551 -2.96 17.78 -24.51
N GLN A 552 -2.76 18.88 -23.78
CA GLN A 552 -2.25 20.12 -24.35
C GLN A 552 -0.84 20.01 -24.90
N TYR A 553 0.00 19.25 -24.20
CA TYR A 553 1.38 19.05 -24.62
C TYR A 553 1.44 17.95 -25.67
N SER A 554 1.88 18.29 -26.88
CA SER A 554 1.96 17.27 -27.91
C SER A 554 3.13 16.39 -27.52
N HIS A 555 2.96 15.08 -27.66
CA HIS A 555 4.02 14.15 -27.31
C HIS A 555 5.22 14.29 -28.24
N VAL A 556 4.99 14.80 -29.44
CA VAL A 556 6.07 15.00 -30.41
C VAL A 556 7.02 16.10 -29.97
N THR A 557 6.45 17.23 -29.54
CA THR A 557 7.27 18.34 -29.11
C THR A 557 7.90 18.11 -27.73
N TRP A 558 7.10 17.56 -26.82
CA TRP A 558 7.56 17.32 -25.47
C TRP A 558 8.36 16.11 -25.04
N LYS A 559 8.02 14.93 -25.52
CA LYS A 559 8.76 13.73 -25.13
C LYS A 559 10.25 13.93 -25.36
N LEU A 560 11.07 13.05 -24.81
CA LEU A 560 12.50 13.23 -24.99
C LEU A 560 13.26 11.95 -24.64
N GLU B 6 -32.08 -16.94 -23.33
CA GLU B 6 -33.36 -17.05 -22.65
C GLU B 6 -34.26 -15.84 -22.88
N PHE B 7 -35.56 -16.02 -22.57
CA PHE B 7 -36.58 -15.00 -22.75
C PHE B 7 -36.99 -13.82 -21.86
N ARG B 8 -37.36 -14.10 -20.62
CA ARG B 8 -37.81 -13.08 -19.67
C ARG B 8 -37.29 -13.25 -18.26
N PRO B 9 -36.48 -12.27 -17.86
CA PRO B 9 -35.88 -12.23 -16.53
C PRO B 9 -36.96 -11.71 -15.60
N LEU B 10 -36.86 -12.11 -14.34
CA LEU B 10 -37.84 -11.72 -13.35
C LEU B 10 -37.83 -10.21 -13.13
N THR B 11 -36.70 -9.56 -13.41
CA THR B 11 -36.54 -8.11 -13.27
C THR B 11 -35.49 -7.73 -14.29
N LEU B 12 -35.38 -6.44 -14.57
CA LEU B 12 -34.40 -6.00 -15.55
C LEU B 12 -33.73 -4.72 -15.14
N PRO B 13 -32.59 -4.49 -15.76
CA PRO B 13 -31.78 -3.30 -15.52
C PRO B 13 -32.65 -2.09 -15.83
N PRO B 14 -32.27 -0.94 -15.27
CA PRO B 14 -33.03 0.28 -15.50
C PRO B 14 -32.90 0.74 -16.95
N LYS B 15 -33.96 1.36 -17.47
CA LYS B 15 -33.97 1.88 -18.83
C LYS B 15 -33.68 0.88 -19.95
N LEU B 16 -34.34 -0.27 -19.92
CA LEU B 16 -34.08 -1.25 -20.96
C LEU B 16 -35.25 -2.16 -21.26
N SER B 17 -35.48 -2.37 -22.56
CA SER B 17 -36.54 -3.21 -23.08
C SER B 17 -36.22 -4.71 -23.06
N LEU B 18 -37.27 -5.52 -22.95
CA LEU B 18 -37.11 -6.97 -22.93
C LEU B 18 -36.53 -7.35 -24.29
N SER B 19 -36.86 -6.54 -25.29
CA SER B 19 -36.39 -6.74 -26.65
C SER B 19 -34.87 -6.62 -26.67
N ASP B 20 -34.35 -5.68 -25.89
CA ASP B 20 -32.91 -5.49 -25.83
C ASP B 20 -32.23 -6.56 -24.99
N PHE B 21 -32.88 -6.93 -23.89
CA PHE B 21 -32.30 -7.96 -23.03
C PHE B 21 -32.07 -9.21 -23.85
N ASN B 22 -33.08 -9.56 -24.65
CA ASN B 22 -32.99 -10.74 -25.49
C ASN B 22 -31.88 -10.66 -26.54
N GLU B 23 -31.75 -9.53 -27.24
CA GLU B 23 -30.68 -9.48 -28.22
C GLU B 23 -29.35 -9.57 -27.49
N PHE B 24 -29.24 -8.91 -26.34
CA PHE B 24 -28.02 -8.93 -25.56
C PHE B 24 -27.68 -10.35 -25.12
N ILE B 25 -28.62 -10.98 -24.42
CA ILE B 25 -28.39 -12.34 -23.95
C ILE B 25 -28.20 -13.30 -25.11
N GLN B 26 -28.91 -13.06 -26.20
CA GLN B 26 -28.79 -13.95 -27.35
C GLN B 26 -27.32 -13.97 -27.77
N ASP B 27 -26.72 -12.78 -27.86
CA ASP B 27 -25.32 -12.65 -28.24
C ASP B 27 -24.33 -13.23 -27.26
N ILE B 28 -24.63 -13.13 -25.98
CA ILE B 28 -23.71 -13.69 -24.99
C ILE B 28 -23.69 -15.21 -25.11
N ILE B 29 -24.87 -15.80 -25.33
CA ILE B 29 -24.97 -17.25 -25.46
C ILE B 29 -24.16 -17.76 -26.63
N ARG B 30 -24.07 -16.94 -27.68
CA ARG B 30 -23.32 -17.31 -28.87
C ARG B 30 -21.83 -17.31 -28.53
N ILE B 31 -21.45 -16.41 -27.64
CA ILE B 31 -20.06 -16.30 -27.22
C ILE B 31 -19.62 -17.38 -26.24
N VAL B 32 -20.20 -17.36 -25.04
CA VAL B 32 -19.89 -18.32 -23.99
C VAL B 32 -20.62 -19.66 -24.08
N GLY B 33 -21.56 -19.76 -25.00
CA GLY B 33 -22.32 -20.99 -25.14
C GLY B 33 -23.33 -21.07 -24.01
N SER B 34 -24.46 -21.71 -24.29
CA SER B 34 -25.53 -21.85 -23.33
C SER B 34 -25.16 -22.47 -21.98
N GLU B 35 -24.15 -23.34 -21.98
CA GLU B 35 -23.75 -23.97 -20.73
C GLU B 35 -23.39 -22.90 -19.72
N ASN B 36 -22.74 -21.84 -20.20
CA ASN B 36 -22.31 -20.72 -19.37
C ASN B 36 -23.30 -19.65 -18.91
N VAL B 37 -24.30 -19.39 -19.73
CA VAL B 37 -25.31 -18.39 -19.41
C VAL B 37 -26.43 -19.00 -18.57
N GLU B 38 -27.20 -18.15 -17.90
CA GLU B 38 -28.33 -18.58 -17.08
C GLU B 38 -29.25 -17.41 -16.71
N VAL B 39 -30.41 -17.38 -17.33
CA VAL B 39 -31.39 -16.33 -17.08
C VAL B 39 -32.29 -16.64 -15.88
N ILE B 40 -32.64 -15.62 -15.12
CA ILE B 40 -33.51 -15.85 -13.98
C ILE B 40 -34.96 -15.56 -14.34
N SER B 41 -35.67 -16.63 -14.70
CA SER B 41 -37.08 -16.61 -15.08
C SER B 41 -38.15 -16.78 -14.03
N SER B 42 -37.84 -17.48 -12.94
CA SER B 42 -38.85 -17.70 -11.90
C SER B 42 -38.35 -17.92 -10.49
N LYS B 43 -39.29 -17.82 -9.55
CA LYS B 43 -39.06 -17.97 -8.12
C LYS B 43 -38.34 -19.23 -7.67
N ASP B 44 -38.60 -20.35 -8.32
CA ASP B 44 -37.94 -21.58 -7.92
C ASP B 44 -36.43 -21.44 -8.10
N GLN B 45 -36.03 -20.41 -8.84
CA GLN B 45 -34.62 -20.15 -9.08
C GLN B 45 -33.98 -19.37 -7.93
N ILE B 46 -34.83 -18.67 -7.17
CA ILE B 46 -34.42 -17.85 -6.03
C ILE B 46 -34.02 -18.55 -4.74
N VAL B 47 -33.46 -19.75 -4.83
CA VAL B 47 -33.04 -20.49 -3.64
C VAL B 47 -31.82 -19.98 -2.88
N ASP B 48 -31.95 -19.81 -1.56
CA ASP B 48 -30.85 -19.36 -0.72
C ASP B 48 -30.05 -20.66 -0.52
N GLY B 49 -28.85 -20.70 -1.08
CA GLY B 49 -28.00 -21.87 -0.97
C GLY B 49 -27.51 -22.24 0.43
N SER B 50 -26.23 -22.53 0.46
CA SER B 50 -25.48 -22.91 1.66
C SER B 50 -24.10 -22.34 1.38
N TYR B 51 -23.27 -22.27 2.41
CA TYR B 51 -21.92 -21.73 2.26
C TYR B 51 -21.12 -22.66 1.35
N MET B 52 -21.44 -23.95 1.44
CA MET B 52 -20.79 -24.98 0.65
C MET B 52 -21.15 -24.96 -0.84
N LYS B 53 -22.30 -24.38 -1.15
CA LYS B 53 -22.77 -24.30 -2.53
C LYS B 53 -23.61 -23.04 -2.50
N PRO B 54 -22.90 -21.95 -2.75
CA PRO B 54 -23.43 -20.59 -2.77
C PRO B 54 -24.31 -20.20 -3.95
N THR B 55 -25.33 -19.41 -3.65
CA THR B 55 -26.26 -18.93 -4.68
C THR B 55 -25.70 -17.67 -5.35
N HIS B 56 -25.64 -17.67 -6.68
CA HIS B 56 -25.15 -16.52 -7.43
C HIS B 56 -26.17 -15.45 -7.84
N THR B 57 -27.45 -15.74 -7.60
CA THR B 57 -28.55 -14.84 -7.94
C THR B 57 -28.96 -13.70 -7.02
N HIS B 58 -28.60 -13.77 -5.75
CA HIS B 58 -29.02 -12.71 -4.85
C HIS B 58 -28.32 -12.92 -3.52
N ASP B 59 -28.74 -12.13 -2.53
CA ASP B 59 -28.20 -12.17 -1.18
C ASP B 59 -28.81 -13.33 -0.38
N PRO B 60 -27.97 -14.22 0.14
CA PRO B 60 -28.43 -15.36 0.92
C PRO B 60 -28.91 -14.96 2.32
N HIS B 61 -28.20 -13.99 2.89
CA HIS B 61 -28.41 -13.40 4.20
C HIS B 61 -29.27 -12.15 4.24
N HIS B 62 -30.07 -11.97 3.19
CA HIS B 62 -30.93 -10.81 3.04
C HIS B 62 -31.59 -10.19 4.28
N VAL B 63 -31.24 -8.92 4.52
CA VAL B 63 -31.82 -8.20 5.65
C VAL B 63 -33.07 -7.65 5.01
N MET B 64 -32.91 -7.26 3.75
CA MET B 64 -34.02 -6.73 2.97
C MET B 64 -34.84 -7.85 2.35
N ASP B 65 -35.80 -7.51 1.50
CA ASP B 65 -36.62 -8.53 0.87
C ASP B 65 -35.67 -9.48 0.15
N GLN B 66 -36.00 -10.77 0.12
CA GLN B 66 -35.14 -11.75 -0.53
C GLN B 66 -34.88 -11.43 -2.01
N ASP B 67 -35.95 -11.16 -2.74
CA ASP B 67 -35.87 -10.84 -4.16
C ASP B 67 -35.54 -9.37 -4.45
N TYR B 68 -35.08 -8.63 -3.45
CA TYR B 68 -34.75 -7.23 -3.65
C TYR B 68 -33.60 -7.09 -4.65
N PHE B 69 -32.39 -7.45 -4.23
CA PHE B 69 -31.25 -7.36 -5.12
C PHE B 69 -31.13 -8.72 -5.81
N LEU B 70 -31.23 -8.76 -7.13
CA LEU B 70 -31.11 -10.04 -7.82
C LEU B 70 -30.86 -9.79 -9.29
N ALA B 71 -30.01 -10.64 -9.85
CA ALA B 71 -29.62 -10.57 -11.24
C ALA B 71 -30.66 -10.95 -12.28
N SER B 72 -30.45 -10.46 -13.49
CA SER B 72 -31.36 -10.77 -14.59
C SER B 72 -30.86 -12.10 -15.17
N ALA B 73 -29.56 -12.32 -15.05
CA ALA B 73 -28.95 -13.53 -15.57
C ALA B 73 -27.57 -13.71 -14.96
N ILE B 74 -26.89 -14.77 -15.37
CA ILE B 74 -25.56 -15.03 -14.86
C ILE B 74 -24.74 -15.48 -16.04
N VAL B 75 -23.47 -15.09 -16.05
CA VAL B 75 -22.64 -15.46 -17.17
C VAL B 75 -21.23 -15.73 -16.74
N ALA B 76 -20.79 -16.94 -17.09
CA ALA B 76 -19.44 -17.39 -16.78
C ALA B 76 -18.54 -17.23 -18.01
N PRO B 77 -17.63 -16.27 -18.01
CA PRO B 77 -16.74 -16.12 -19.16
C PRO B 77 -15.83 -17.33 -19.11
N ARG B 78 -15.46 -17.84 -20.28
CA ARG B 78 -14.58 -19.01 -20.36
C ARG B 78 -13.15 -18.55 -20.09
N ASN B 79 -12.86 -17.30 -20.49
CA ASN B 79 -11.53 -16.75 -20.30
C ASN B 79 -11.53 -15.26 -20.58
N VAL B 80 -10.37 -14.63 -20.38
CA VAL B 80 -10.21 -13.21 -20.58
C VAL B 80 -10.80 -12.64 -21.86
N ALA B 81 -10.60 -13.31 -22.98
CA ALA B 81 -11.16 -12.79 -24.22
C ALA B 81 -12.67 -12.59 -24.11
N ASP B 82 -13.35 -13.54 -23.48
CA ASP B 82 -14.79 -13.44 -23.32
C ASP B 82 -15.17 -12.22 -22.50
N VAL B 83 -14.40 -11.98 -21.44
CA VAL B 83 -14.68 -10.83 -20.59
C VAL B 83 -14.57 -9.57 -21.45
N GLN B 84 -13.49 -9.47 -22.22
CA GLN B 84 -13.34 -8.31 -23.06
C GLN B 84 -14.55 -8.17 -23.99
N SER B 85 -15.01 -9.30 -24.51
CA SER B 85 -16.17 -9.30 -25.40
C SER B 85 -17.49 -8.95 -24.74
N ILE B 86 -17.75 -9.59 -23.61
CA ILE B 86 -18.98 -9.34 -22.90
C ILE B 86 -19.03 -7.86 -22.56
N VAL B 87 -17.89 -7.35 -22.12
CA VAL B 87 -17.79 -5.95 -21.77
C VAL B 87 -18.18 -5.11 -22.97
N GLY B 88 -17.66 -5.46 -24.14
CA GLY B 88 -17.98 -4.71 -25.34
C GLY B 88 -19.49 -4.67 -25.60
N LEU B 89 -20.17 -5.79 -25.40
CA LEU B 89 -21.61 -5.84 -25.64
C LEU B 89 -22.32 -4.99 -24.61
N ALA B 90 -21.88 -5.10 -23.36
CA ALA B 90 -22.49 -4.35 -22.28
C ALA B 90 -22.48 -2.86 -22.65
N ASN B 91 -21.40 -2.40 -23.27
CA ASN B 91 -21.35 -1.00 -23.66
C ASN B 91 -22.40 -0.67 -24.71
N LYS B 92 -22.58 -1.57 -25.67
CA LYS B 92 -23.56 -1.31 -26.71
C LYS B 92 -24.94 -1.08 -26.10
N PHE B 93 -25.32 -1.97 -25.18
CA PHE B 93 -26.60 -1.87 -24.50
C PHE B 93 -26.62 -1.06 -23.22
N SER B 94 -25.45 -0.73 -22.68
CA SER B 94 -25.40 0.04 -21.43
C SER B 94 -25.96 -0.83 -20.31
N PHE B 95 -25.78 -2.14 -20.44
CA PHE B 95 -26.24 -3.13 -19.48
C PHE B 95 -25.25 -3.16 -18.30
N PRO B 96 -25.74 -3.09 -17.06
CA PRO B 96 -24.81 -3.14 -15.94
C PRO B 96 -24.31 -4.53 -15.56
N LEU B 97 -22.99 -4.60 -15.38
CA LEU B 97 -22.28 -5.81 -14.98
C LEU B 97 -21.98 -5.75 -13.49
N TRP B 98 -21.75 -6.90 -12.88
CA TRP B 98 -21.43 -6.98 -11.46
C TRP B 98 -20.60 -8.25 -11.38
N PRO B 99 -19.29 -8.05 -11.28
CA PRO B 99 -18.32 -9.12 -11.21
C PRO B 99 -18.19 -9.78 -9.84
N ILE B 100 -17.76 -11.03 -9.84
CA ILE B 100 -17.57 -11.79 -8.62
C ILE B 100 -16.70 -12.99 -8.96
N SER B 101 -15.87 -13.37 -8.00
CA SER B 101 -14.99 -14.51 -8.18
C SER B 101 -15.68 -15.75 -7.61
N ILE B 102 -15.93 -15.73 -6.31
CA ILE B 102 -16.57 -16.84 -5.62
C ILE B 102 -18.05 -16.81 -5.24
N GLY B 103 -18.53 -15.63 -4.87
CA GLY B 103 -19.91 -15.47 -4.45
C GLY B 103 -20.02 -15.58 -2.92
N ARG B 104 -18.90 -15.94 -2.30
CA ARG B 104 -18.77 -16.10 -0.85
C ARG B 104 -18.82 -14.94 0.13
N ASN B 105 -19.04 -13.75 -0.41
CA ASN B 105 -19.10 -12.53 0.39
C ASN B 105 -20.31 -12.37 1.31
N SER B 106 -20.92 -13.46 1.77
CA SER B 106 -22.09 -13.32 2.64
C SER B 106 -21.83 -12.44 3.86
N GLY B 107 -22.89 -11.83 4.40
CA GLY B 107 -22.72 -10.95 5.55
C GLY B 107 -22.31 -9.58 5.01
N TYR B 108 -22.33 -9.47 3.68
CA TYR B 108 -21.98 -8.25 2.95
C TYR B 108 -22.76 -8.23 1.63
N GLY B 109 -23.80 -9.07 1.57
CA GLY B 109 -24.65 -9.18 0.39
C GLY B 109 -24.41 -10.34 -0.58
N GLY B 110 -23.42 -11.19 -0.32
CA GLY B 110 -23.16 -12.32 -1.20
C GLY B 110 -22.97 -11.93 -2.66
N ALA B 111 -23.49 -12.78 -3.54
CA ALA B 111 -23.40 -12.57 -4.99
C ALA B 111 -24.33 -11.52 -5.59
N ALA B 112 -25.27 -11.00 -4.79
CA ALA B 112 -26.21 -10.00 -5.30
C ALA B 112 -25.58 -8.69 -5.73
N PRO B 113 -26.13 -8.13 -6.81
CA PRO B 113 -25.69 -6.86 -7.38
C PRO B 113 -26.46 -5.72 -6.71
N ARG B 114 -25.83 -4.55 -6.62
CA ARG B 114 -26.43 -3.35 -6.01
C ARG B 114 -27.66 -2.94 -6.82
N VAL B 115 -27.48 -2.84 -8.13
CA VAL B 115 -28.58 -2.50 -9.03
C VAL B 115 -29.15 -3.80 -9.59
N SER B 116 -30.46 -4.03 -9.40
CA SER B 116 -31.11 -5.24 -9.89
C SER B 116 -31.26 -5.42 -11.41
N GLY B 117 -31.37 -6.67 -11.84
CA GLY B 117 -31.50 -7.00 -13.26
C GLY B 117 -30.12 -7.02 -13.90
N SER B 118 -29.08 -6.74 -13.13
CA SER B 118 -27.73 -6.74 -13.66
C SER B 118 -27.25 -8.15 -13.98
N VAL B 119 -26.38 -8.26 -14.97
CA VAL B 119 -25.83 -9.57 -15.32
C VAL B 119 -24.69 -9.78 -14.34
N VAL B 120 -24.59 -10.98 -13.77
CA VAL B 120 -23.51 -11.24 -12.83
C VAL B 120 -22.37 -12.03 -13.48
N LEU B 121 -21.18 -11.45 -13.57
CA LEU B 121 -20.09 -12.22 -14.17
C LEU B 121 -19.51 -13.21 -13.18
N ASP B 122 -19.64 -14.50 -13.50
CA ASP B 122 -19.07 -15.46 -12.57
C ASP B 122 -17.67 -15.59 -13.11
N MET B 123 -16.73 -14.84 -12.54
CA MET B 123 -15.36 -14.93 -13.01
C MET B 123 -14.75 -16.26 -12.60
N GLY B 124 -15.19 -16.75 -11.44
CA GLY B 124 -14.70 -18.00 -10.87
C GLY B 124 -14.90 -19.38 -11.50
N LYS B 125 -16.04 -19.63 -12.12
CA LYS B 125 -16.28 -20.94 -12.70
C LYS B 125 -15.19 -21.42 -13.63
N ASN B 126 -14.99 -20.72 -14.73
CA ASN B 126 -13.97 -21.12 -15.68
C ASN B 126 -12.53 -20.73 -15.45
N MET B 127 -12.32 -19.53 -14.90
CA MET B 127 -10.98 -19.02 -14.61
C MET B 127 -10.75 -19.45 -13.17
N ASN B 128 -10.37 -20.71 -13.02
CA ASN B 128 -10.12 -21.38 -11.76
C ASN B 128 -8.66 -21.67 -11.35
N ARG B 129 -7.76 -21.56 -12.33
CA ARG B 129 -6.33 -21.82 -12.23
C ARG B 129 -5.26 -21.17 -11.34
N VAL B 130 -4.47 -22.01 -10.69
CA VAL B 130 -3.37 -21.54 -9.84
C VAL B 130 -2.30 -21.43 -10.94
N LEU B 131 -2.06 -20.21 -11.40
CA LEU B 131 -1.08 -19.94 -12.44
C LEU B 131 0.37 -20.12 -12.09
N GLU B 132 0.71 -19.97 -10.82
CA GLU B 132 2.10 -20.13 -10.47
C GLU B 132 2.35 -20.07 -8.98
N VAL B 133 3.42 -20.74 -8.59
CA VAL B 133 3.83 -20.79 -7.21
C VAL B 133 5.32 -20.77 -7.42
N ASN B 134 5.99 -19.91 -6.65
CA ASN B 134 7.43 -19.77 -6.78
C ASN B 134 8.00 -19.69 -5.39
N VAL B 135 8.87 -20.66 -5.12
CA VAL B 135 9.51 -20.79 -3.84
C VAL B 135 10.55 -19.74 -3.49
N GLU B 136 11.35 -19.34 -4.47
CA GLU B 136 12.36 -18.34 -4.20
C GLU B 136 11.73 -16.98 -3.93
N GLY B 137 10.72 -16.65 -4.75
CA GLY B 137 10.01 -15.38 -4.62
C GLY B 137 9.02 -15.47 -3.47
N ALA B 138 8.71 -16.71 -3.10
CA ALA B 138 7.76 -16.97 -2.02
C ALA B 138 6.41 -16.33 -2.30
N TYR B 139 5.90 -16.57 -3.49
CA TYR B 139 4.61 -16.02 -3.87
C TYR B 139 4.00 -16.98 -4.87
N CYS B 140 2.79 -16.65 -5.33
CA CYS B 140 2.06 -17.46 -6.29
C CYS B 140 1.21 -16.49 -7.09
N VAL B 141 0.50 -16.99 -8.09
CA VAL B 141 -0.33 -16.12 -8.90
C VAL B 141 -1.63 -16.88 -9.04
N VAL B 142 -2.73 -16.15 -9.17
CA VAL B 142 -4.02 -16.80 -9.25
C VAL B 142 -5.18 -16.13 -9.94
N GLU B 143 -6.06 -16.97 -10.46
CA GLU B 143 -7.26 -16.52 -11.14
C GLU B 143 -8.36 -16.36 -10.11
N PRO B 144 -9.46 -15.74 -10.51
CA PRO B 144 -10.55 -15.53 -9.57
C PRO B 144 -11.16 -16.78 -8.94
N GLY B 145 -11.12 -17.91 -9.65
CA GLY B 145 -11.67 -19.19 -9.19
C GLY B 145 -11.02 -19.95 -8.03
N VAL B 146 -9.75 -19.67 -7.76
CA VAL B 146 -9.05 -20.34 -6.68
C VAL B 146 -9.44 -19.95 -5.24
N THR B 147 -10.04 -20.86 -4.50
CA THR B 147 -10.44 -20.57 -3.12
C THR B 147 -9.21 -20.85 -2.26
N TYR B 148 -9.28 -20.52 -0.98
CA TYR B 148 -8.13 -20.77 -0.12
C TYR B 148 -7.87 -22.28 -0.08
N HIS B 149 -8.91 -23.07 0.13
CA HIS B 149 -8.72 -24.52 0.16
C HIS B 149 -8.04 -25.03 -1.08
N ASP B 150 -8.45 -24.53 -2.23
CA ASP B 150 -7.82 -25.00 -3.45
C ASP B 150 -6.32 -24.79 -3.42
N LEU B 151 -5.90 -23.57 -3.05
CA LEU B 151 -4.48 -23.26 -3.00
C LEU B 151 -3.73 -24.14 -2.04
N HIS B 152 -4.34 -24.34 -0.87
CA HIS B 152 -3.74 -25.18 0.15
C HIS B 152 -3.53 -26.57 -0.42
N ASN B 153 -4.55 -27.12 -1.07
CA ASN B 153 -4.37 -28.44 -1.63
C ASN B 153 -3.25 -28.42 -2.66
N TYR B 154 -3.27 -27.44 -3.56
CA TYR B 154 -2.24 -27.36 -4.59
C TYR B 154 -0.85 -27.37 -3.95
N LEU B 155 -0.71 -26.65 -2.84
CA LEU B 155 0.57 -26.61 -2.18
C LEU B 155 0.88 -27.98 -1.65
N GLU B 156 -0.14 -28.57 -1.03
CA GLU B 156 0.00 -29.89 -0.42
C GLU B 156 0.21 -31.03 -1.41
N ALA B 157 -0.43 -30.96 -2.58
CA ALA B 157 -0.27 -32.02 -3.58
C ALA B 157 1.18 -31.96 -4.01
N ASN B 158 1.61 -30.74 -4.30
CA ASN B 158 2.96 -30.46 -4.73
C ASN B 158 4.00 -30.58 -3.61
N ASN B 159 3.55 -30.97 -2.44
CA ASN B 159 4.45 -31.14 -1.30
C ASN B 159 5.13 -29.86 -0.82
N LEU B 160 4.71 -28.74 -1.40
CA LEU B 160 5.23 -27.41 -1.08
C LEU B 160 4.81 -26.87 0.28
N ARG B 161 3.85 -27.51 0.93
CA ARG B 161 3.39 -27.01 2.21
C ARG B 161 4.50 -26.81 3.23
N ASP B 162 5.59 -27.58 3.12
CA ASP B 162 6.68 -27.41 4.08
C ASP B 162 7.52 -26.16 3.78
N LYS B 163 7.47 -25.74 2.52
CA LYS B 163 8.17 -24.58 2.00
C LYS B 163 7.45 -23.24 2.17
N LEU B 164 6.13 -23.25 2.09
CA LEU B 164 5.39 -22.00 2.21
C LEU B 164 3.98 -22.19 2.76
N TRP B 165 3.59 -21.24 3.60
CA TRP B 165 2.29 -21.19 4.25
C TRP B 165 1.29 -20.19 3.68
N LEU B 166 0.02 -20.59 3.62
CA LEU B 166 -1.03 -19.70 3.14
C LEU B 166 -1.59 -18.93 4.33
N ASP B 167 -2.05 -17.71 4.13
CA ASP B 167 -2.64 -16.96 5.23
C ASP B 167 -4.12 -17.20 4.97
N VAL B 168 -4.96 -17.31 6.00
CA VAL B 168 -6.37 -17.54 5.68
C VAL B 168 -7.29 -16.94 6.72
N PRO B 169 -8.44 -16.48 6.21
CA PRO B 169 -9.49 -15.88 7.01
C PRO B 169 -10.15 -17.03 7.71
N ASP B 170 -11.18 -16.75 8.53
CA ASP B 170 -11.87 -17.79 9.25
C ASP B 170 -12.36 -18.97 8.40
N LEU B 171 -13.50 -18.83 7.74
CA LEU B 171 -13.97 -19.94 6.92
C LEU B 171 -13.02 -19.96 5.73
N GLY B 172 -12.69 -21.13 5.20
CA GLY B 172 -11.77 -21.24 4.06
C GLY B 172 -12.23 -21.16 2.61
N GLY B 173 -13.54 -21.20 2.36
CA GLY B 173 -14.08 -21.17 1.01
C GLY B 173 -13.97 -20.00 0.03
N GLY B 174 -13.72 -18.80 0.53
CA GLY B 174 -13.62 -17.61 -0.33
C GLY B 174 -12.52 -17.54 -1.39
N SER B 175 -12.69 -16.62 -2.33
CA SER B 175 -11.71 -16.40 -3.40
C SER B 175 -10.47 -15.73 -2.84
N VAL B 176 -9.30 -16.24 -3.19
CA VAL B 176 -8.10 -15.61 -2.66
C VAL B 176 -8.01 -14.16 -3.14
N LEU B 177 -8.34 -13.91 -4.41
CA LEU B 177 -8.25 -12.53 -4.86
C LEU B 177 -9.51 -11.72 -4.54
N GLY B 178 -10.63 -12.40 -4.50
CA GLY B 178 -11.87 -11.69 -4.20
C GLY B 178 -11.69 -11.08 -2.82
N ASN B 179 -11.23 -11.89 -1.88
CA ASN B 179 -11.05 -11.36 -0.54
C ASN B 179 -9.97 -10.29 -0.53
N ALA B 180 -8.94 -10.46 -1.35
CA ALA B 180 -7.86 -9.48 -1.37
C ALA B 180 -8.27 -8.09 -1.84
N VAL B 181 -9.02 -8.02 -2.94
CA VAL B 181 -9.46 -6.73 -3.46
C VAL B 181 -10.36 -6.01 -2.45
N GLU B 182 -11.09 -6.80 -1.68
CA GLU B 182 -11.99 -6.29 -0.65
C GLU B 182 -11.23 -5.88 0.61
N ARG B 183 -9.95 -6.23 0.67
CA ARG B 183 -9.09 -5.90 1.82
C ARG B 183 -9.46 -6.71 3.06
N GLY B 184 -9.93 -7.93 2.85
CA GLY B 184 -10.31 -8.79 3.96
C GLY B 184 -9.12 -9.17 4.82
N VAL B 185 -9.40 -9.40 6.10
CA VAL B 185 -8.38 -9.80 7.07
C VAL B 185 -8.14 -11.30 7.16
N GLY B 186 -6.94 -11.65 7.63
CA GLY B 186 -6.52 -13.04 7.79
C GLY B 186 -5.66 -13.14 9.04
N TYR B 187 -5.55 -14.34 9.59
CA TYR B 187 -4.80 -14.58 10.83
C TYR B 187 -3.29 -14.67 11.10
N THR B 188 -2.49 -15.05 10.11
CA THR B 188 -1.03 -15.15 10.32
C THR B 188 -0.38 -13.76 10.26
N PRO B 189 0.94 -13.72 10.17
CA PRO B 189 1.63 -12.43 10.07
C PRO B 189 1.28 -11.77 8.74
N TYR B 190 0.89 -12.60 7.78
CA TYR B 190 0.49 -12.16 6.46
C TYR B 190 -1.01 -11.82 6.43
N GLY B 191 -1.57 -11.56 7.61
CA GLY B 191 -2.99 -11.24 7.75
C GLY B 191 -3.60 -10.10 6.94
N ASP B 192 -2.85 -9.03 6.67
CA ASP B 192 -3.43 -7.93 5.89
C ASP B 192 -3.38 -8.42 4.46
N HIS B 193 -4.49 -8.92 3.92
CA HIS B 193 -4.43 -9.40 2.55
C HIS B 193 -4.08 -8.40 1.46
N TRP B 194 -4.74 -7.26 1.47
CA TRP B 194 -4.44 -6.29 0.44
C TRP B 194 -2.97 -5.90 0.45
N MET B 195 -2.38 -5.84 1.63
CA MET B 195 -0.99 -5.45 1.71
C MET B 195 -0.04 -6.42 1.00
N MET B 196 -0.36 -7.71 1.07
CA MET B 196 0.44 -8.77 0.47
C MET B 196 0.40 -9.05 -1.03
N HIS B 197 -0.30 -8.23 -1.81
CA HIS B 197 -0.35 -8.46 -3.25
C HIS B 197 0.80 -7.76 -3.99
N SER B 198 0.96 -8.09 -5.26
CA SER B 198 1.99 -7.48 -6.10
C SER B 198 1.69 -7.85 -7.55
N GLY B 199 1.46 -6.84 -8.38
CA GLY B 199 1.15 -7.03 -9.80
C GLY B 199 -0.27 -7.60 -9.96
N MET B 200 -1.04 -6.97 -10.82
CA MET B 200 -2.43 -7.39 -11.06
C MET B 200 -2.72 -7.23 -12.54
N GLU B 201 -3.89 -7.72 -12.93
CA GLU B 201 -4.30 -7.63 -14.32
C GLU B 201 -5.78 -7.41 -14.26
N VAL B 202 -6.26 -6.51 -15.13
CA VAL B 202 -7.68 -6.22 -15.11
C VAL B 202 -8.19 -5.71 -16.44
N VAL B 203 -9.48 -5.98 -16.67
CA VAL B 203 -10.13 -5.54 -17.90
C VAL B 203 -10.80 -4.19 -17.63
N LEU B 204 -10.44 -3.18 -18.40
CA LEU B 204 -11.03 -1.86 -18.24
C LEU B 204 -12.42 -1.82 -18.84
N ALA B 205 -13.19 -0.79 -18.49
CA ALA B 205 -14.55 -0.66 -19.01
C ALA B 205 -14.53 -0.69 -20.53
N ASN B 206 -13.44 -0.23 -21.12
CA ASN B 206 -13.28 -0.21 -22.57
C ASN B 206 -12.78 -1.55 -23.11
N GLY B 207 -12.69 -2.54 -22.22
CA GLY B 207 -12.23 -3.87 -22.61
C GLY B 207 -10.74 -4.01 -22.84
N GLU B 208 -9.98 -2.94 -22.68
CA GLU B 208 -8.54 -3.07 -22.89
C GLU B 208 -7.86 -3.74 -21.70
N LEU B 209 -6.80 -4.51 -21.94
CA LEU B 209 -6.08 -5.18 -20.86
C LEU B 209 -5.05 -4.27 -20.23
N LEU B 210 -4.72 -4.57 -18.98
CA LEU B 210 -3.74 -3.76 -18.29
C LEU B 210 -3.09 -4.41 -17.08
N ARG B 211 -1.78 -4.62 -17.14
CA ARG B 211 -1.13 -5.20 -15.97
C ARG B 211 -0.71 -4.00 -15.13
N THR B 212 -0.25 -4.20 -13.91
CA THR B 212 0.13 -3.06 -13.08
C THR B 212 1.45 -3.26 -12.35
N GLY B 213 1.95 -2.16 -11.80
CA GLY B 213 3.21 -2.22 -11.09
C GLY B 213 4.21 -2.72 -12.14
N MET B 214 5.17 -3.51 -11.70
CA MET B 214 6.16 -4.06 -12.62
C MET B 214 5.48 -4.96 -13.65
N GLY B 215 4.19 -5.23 -13.46
CA GLY B 215 3.45 -6.07 -14.40
C GLY B 215 3.53 -5.42 -15.79
N ALA B 216 3.70 -4.10 -15.82
CA ALA B 216 3.80 -3.32 -17.05
C ALA B 216 5.10 -3.49 -17.83
N LEU B 217 6.19 -3.82 -17.14
CA LEU B 217 7.46 -4.00 -17.81
C LEU B 217 7.29 -5.37 -18.47
N PRO B 218 7.40 -5.41 -19.79
CA PRO B 218 7.24 -6.65 -20.55
C PRO B 218 8.37 -7.68 -20.43
N ASP B 219 7.98 -8.96 -20.36
CA ASP B 219 8.96 -10.03 -20.28
C ASP B 219 9.58 -10.04 -21.68
N PRO B 220 10.90 -10.07 -21.78
CA PRO B 220 11.55 -10.08 -23.08
C PRO B 220 11.08 -11.26 -23.93
N LYS B 221 11.07 -11.05 -25.23
CA LYS B 221 10.64 -12.10 -26.12
C LYS B 221 11.57 -13.26 -26.46
N ARG B 222 11.15 -14.46 -26.07
CA ARG B 222 11.88 -15.68 -26.37
C ARG B 222 11.12 -16.39 -27.47
N PRO B 223 11.76 -17.25 -28.25
CA PRO B 223 11.05 -17.93 -29.33
C PRO B 223 9.84 -18.67 -28.82
N GLU B 224 9.98 -19.30 -27.66
CA GLU B 224 8.86 -20.04 -27.06
C GLU B 224 7.56 -19.32 -26.76
N THR B 225 7.66 -18.05 -26.41
CA THR B 225 6.50 -17.21 -26.08
C THR B 225 5.87 -16.44 -27.25
N MET B 226 6.41 -16.62 -28.45
CA MET B 226 5.88 -15.91 -29.60
C MET B 226 4.42 -16.20 -29.86
N GLY B 227 3.74 -15.27 -30.52
CA GLY B 227 2.33 -15.46 -30.82
C GLY B 227 1.36 -15.49 -29.67
N LEU B 228 1.83 -15.63 -28.43
CA LEU B 228 0.87 -15.65 -27.34
C LEU B 228 -0.04 -14.43 -27.24
N LYS B 229 -1.30 -14.67 -26.89
CA LYS B 229 -2.23 -13.57 -26.75
C LYS B 229 -1.77 -12.90 -25.46
N PRO B 230 -2.05 -11.60 -25.32
CA PRO B 230 -1.63 -10.87 -24.14
C PRO B 230 -2.03 -11.52 -22.83
N GLU B 231 -3.30 -11.88 -22.70
CA GLU B 231 -3.70 -12.49 -21.45
C GLU B 231 -2.92 -13.75 -21.07
N ASP B 232 -2.35 -14.41 -22.07
CA ASP B 232 -1.57 -15.62 -21.88
C ASP B 232 -0.06 -15.41 -21.73
N GLN B 233 0.38 -14.20 -22.06
CA GLN B 233 1.79 -13.83 -21.97
C GLN B 233 2.34 -13.84 -20.54
N PRO B 234 3.57 -14.30 -20.36
CA PRO B 234 4.15 -14.35 -19.03
C PRO B 234 4.52 -12.97 -18.49
N TRP B 235 4.63 -12.91 -17.18
CA TRP B 235 4.99 -11.67 -16.50
C TRP B 235 6.51 -11.58 -16.44
N SER B 236 7.02 -10.36 -16.31
CA SER B 236 8.46 -10.15 -16.22
C SER B 236 8.88 -10.63 -14.83
N LYS B 237 10.16 -10.89 -14.64
CA LYS B 237 10.64 -11.37 -13.34
C LYS B 237 10.32 -10.61 -12.07
N ILE B 238 10.39 -9.28 -12.13
CA ILE B 238 10.12 -8.48 -10.95
C ILE B 238 8.64 -8.19 -10.64
N ALA B 239 7.77 -8.45 -11.60
CA ALA B 239 6.34 -8.18 -11.47
C ALA B 239 5.71 -8.52 -10.14
N HIS B 240 5.96 -9.73 -9.65
CA HIS B 240 5.41 -10.16 -8.37
C HIS B 240 6.23 -9.89 -7.11
N LEU B 241 7.44 -9.39 -7.32
CA LEU B 241 8.38 -9.06 -6.27
C LEU B 241 8.38 -7.64 -5.70
N PHE B 242 7.94 -6.68 -6.49
CA PHE B 242 7.90 -5.29 -6.06
C PHE B 242 6.68 -4.66 -6.70
N PRO B 243 5.80 -4.22 -5.82
CA PRO B 243 4.54 -3.62 -6.16
C PRO B 243 4.46 -2.25 -6.81
N TYR B 244 5.39 -1.36 -6.47
CA TYR B 244 5.35 -0.02 -7.02
C TYR B 244 5.56 0.30 -8.50
N GLY B 245 6.42 -0.42 -9.19
CA GLY B 245 6.60 -0.08 -10.59
C GLY B 245 7.22 1.31 -10.62
N PHE B 246 6.73 2.14 -11.55
CA PHE B 246 7.22 3.51 -11.75
C PHE B 246 6.00 4.35 -12.07
N GLY B 247 6.02 5.63 -11.72
CA GLY B 247 4.90 6.54 -11.96
C GLY B 247 3.80 6.30 -10.92
N PRO B 248 2.59 6.84 -11.11
CA PRO B 248 1.50 6.67 -10.15
C PRO B 248 1.15 5.22 -9.80
N TYR B 249 0.95 4.98 -8.51
CA TYR B 249 0.62 3.64 -8.05
C TYR B 249 -0.89 3.42 -7.99
N ILE B 250 -1.44 3.00 -9.13
CA ILE B 250 -2.88 2.74 -9.30
C ILE B 250 -3.62 1.55 -8.72
N ASP B 251 -2.90 0.58 -8.18
CA ASP B 251 -3.54 -0.61 -7.63
C ASP B 251 -4.73 -0.35 -6.71
N GLY B 252 -4.62 0.65 -5.85
CA GLY B 252 -5.71 0.94 -4.95
C GLY B 252 -7.02 1.27 -5.65
N LEU B 253 -6.95 1.86 -6.85
CA LEU B 253 -8.17 2.19 -7.57
C LEU B 253 -9.00 0.95 -7.79
N PHE B 254 -8.33 -0.19 -7.70
CA PHE B 254 -9.01 -1.46 -7.87
C PHE B 254 -9.55 -2.14 -6.64
N SER B 255 -9.29 -1.57 -5.47
CA SER B 255 -9.81 -2.16 -4.23
C SER B 255 -11.16 -1.55 -3.88
N GLN B 256 -12.13 -2.39 -3.53
CA GLN B 256 -13.44 -1.89 -3.16
C GLN B 256 -14.02 -0.88 -4.12
N SER B 257 -13.89 -1.13 -5.42
CA SER B 257 -14.40 -0.18 -6.39
C SER B 257 -14.71 -0.78 -7.75
N ASN B 258 -15.54 -0.04 -8.48
CA ASN B 258 -16.00 -0.35 -9.82
C ASN B 258 -15.11 0.08 -10.99
N MET B 259 -13.89 0.51 -10.72
CA MET B 259 -12.97 0.95 -11.77
C MET B 259 -12.64 -0.07 -12.86
N GLY B 260 -12.75 -1.37 -12.55
CA GLY B 260 -12.46 -2.39 -13.55
C GLY B 260 -12.52 -3.81 -12.98
N ILE B 261 -12.52 -4.80 -13.87
CA ILE B 261 -12.57 -6.22 -13.51
C ILE B 261 -11.19 -6.84 -13.39
N VAL B 262 -10.87 -7.43 -12.24
CA VAL B 262 -9.57 -8.09 -12.07
C VAL B 262 -9.51 -9.52 -12.57
N THR B 263 -8.49 -9.86 -13.34
CA THR B 263 -8.34 -11.22 -13.87
C THR B 263 -7.36 -12.19 -13.21
N LYS B 264 -6.29 -11.65 -12.63
CA LYS B 264 -5.29 -12.49 -12.00
C LYS B 264 -4.66 -11.54 -11.01
N ILE B 265 -3.89 -12.09 -10.08
CA ILE B 265 -3.26 -11.22 -9.11
C ILE B 265 -2.14 -11.96 -8.36
N GLY B 266 -1.06 -11.24 -8.10
CA GLY B 266 0.10 -11.77 -7.38
C GLY B 266 -0.19 -11.67 -5.88
N ILE B 267 0.25 -12.66 -5.12
CA ILE B 267 0.02 -12.66 -3.68
C ILE B 267 1.18 -13.29 -2.97
N TRP B 268 1.63 -12.62 -1.93
CA TRP B 268 2.74 -13.18 -1.20
C TRP B 268 2.44 -14.43 -0.40
N LEU B 269 3.48 -15.15 0.00
CA LEU B 269 3.34 -16.38 0.79
C LEU B 269 4.48 -16.41 1.81
N MET B 270 4.09 -16.65 3.05
CA MET B 270 5.06 -16.70 4.12
C MET B 270 5.81 -18.01 4.11
N PRO B 271 7.13 -17.88 4.17
CA PRO B 271 7.99 -19.04 4.18
C PRO B 271 7.70 -19.71 5.51
N ASN B 272 7.82 -21.04 5.54
CA ASN B 272 7.56 -21.77 6.77
C ASN B 272 8.50 -21.19 7.81
N PRO B 273 7.92 -20.74 8.91
CA PRO B 273 8.65 -20.13 10.01
C PRO B 273 9.54 -21.03 10.87
N ARG B 274 9.39 -22.34 10.73
CA ARG B 274 10.20 -23.24 11.53
C ARG B 274 9.85 -23.32 13.02
N GLY B 275 8.61 -22.99 13.38
CA GLY B 275 8.16 -23.04 14.77
C GLY B 275 6.75 -22.51 14.92
N TYR B 276 5.96 -23.10 15.80
CA TYR B 276 4.59 -22.63 15.99
C TYR B 276 3.95 -23.22 17.24
N GLN B 277 3.13 -22.40 17.87
CA GLN B 277 2.42 -22.78 19.07
C GLN B 277 1.36 -21.71 19.26
N SER B 278 0.11 -22.13 19.13
CA SER B 278 -1.00 -21.22 19.31
C SER B 278 -1.11 -21.10 20.82
N TYR B 279 -1.95 -20.19 21.30
CA TYR B 279 -2.08 -20.06 22.74
C TYR B 279 -3.39 -19.37 23.01
N LEU B 280 -3.73 -19.27 24.28
CA LEU B 280 -4.99 -18.66 24.68
C LEU B 280 -4.78 -17.99 26.02
N ILE B 281 -5.61 -16.99 26.28
CA ILE B 281 -5.52 -16.26 27.53
C ILE B 281 -6.94 -15.80 27.72
N THR B 282 -7.57 -16.36 28.74
CA THR B 282 -8.93 -16.00 29.04
C THR B 282 -9.00 -14.86 30.04
N LEU B 283 -9.73 -13.81 29.68
CA LEU B 283 -9.88 -12.66 30.57
C LEU B 283 -11.16 -12.97 31.35
N PRO B 284 -11.10 -12.94 32.68
CA PRO B 284 -12.29 -13.25 33.48
C PRO B 284 -13.50 -12.35 33.36
N LYS B 285 -13.30 -11.07 33.70
CA LYS B 285 -14.35 -10.07 33.66
C LYS B 285 -14.63 -9.37 32.31
N ASP B 286 -15.82 -8.79 32.19
CA ASP B 286 -16.25 -8.06 30.98
C ASP B 286 -15.36 -6.83 30.85
N GLY B 287 -15.19 -6.14 31.97
CA GLY B 287 -14.38 -4.92 32.06
C GLY B 287 -12.90 -5.16 31.77
N ASP B 288 -12.47 -6.41 31.82
CA ASP B 288 -11.07 -6.66 31.53
C ASP B 288 -10.70 -6.30 30.10
N LEU B 289 -11.70 -6.10 29.26
CA LEU B 289 -11.46 -5.75 27.86
C LEU B 289 -10.56 -4.54 27.80
N LYS B 290 -10.83 -3.57 28.66
CA LYS B 290 -10.04 -2.35 28.72
C LYS B 290 -8.57 -2.54 29.02
N GLN B 291 -8.23 -3.13 30.16
CA GLN B 291 -6.80 -3.30 30.42
C GLN B 291 -6.12 -4.16 29.39
N ALA B 292 -6.81 -5.21 28.97
CA ALA B 292 -6.20 -6.10 28.00
C ALA B 292 -5.77 -5.34 26.75
N VAL B 293 -6.64 -4.48 26.23
CA VAL B 293 -6.29 -3.71 25.05
C VAL B 293 -5.04 -2.87 25.29
N ASP B 294 -5.02 -2.18 26.42
CA ASP B 294 -3.87 -1.34 26.73
C ASP B 294 -2.61 -2.16 26.89
N ILE B 295 -2.73 -3.37 27.42
CA ILE B 295 -1.54 -4.20 27.60
C ILE B 295 -1.04 -4.60 26.21
N ILE B 296 -1.99 -4.75 25.30
CA ILE B 296 -1.70 -5.16 23.93
C ILE B 296 -1.04 -4.16 23.00
N ARG B 297 -1.46 -2.89 23.12
CA ARG B 297 -0.95 -1.83 22.27
C ARG B 297 0.56 -1.87 22.04
N PRO B 298 1.33 -1.87 23.12
CA PRO B 298 2.79 -1.92 23.02
C PRO B 298 3.33 -3.25 22.53
N LEU B 299 2.65 -4.34 22.88
CA LEU B 299 3.13 -5.63 22.42
C LEU B 299 3.03 -5.69 20.91
N ARG B 300 1.97 -5.08 20.38
CA ARG B 300 1.81 -5.07 18.93
C ARG B 300 2.85 -4.23 18.24
N LEU B 301 3.03 -2.99 18.68
CA LEU B 301 4.02 -2.13 18.06
C LEU B 301 5.42 -2.69 18.23
N GLY B 302 5.65 -3.25 19.42
CA GLY B 302 6.93 -3.86 19.75
C GLY B 302 7.21 -5.20 19.06
N MET B 303 6.26 -5.67 18.27
CA MET B 303 6.47 -6.95 17.61
C MET B 303 6.53 -8.21 18.47
N ALA B 304 5.99 -8.11 19.69
CA ALA B 304 5.94 -9.23 20.61
C ALA B 304 4.88 -10.15 20.00
N LEU B 305 3.72 -9.55 19.73
CA LEU B 305 2.60 -10.26 19.11
C LEU B 305 2.93 -10.24 17.63
N GLN B 306 3.15 -11.40 17.01
CA GLN B 306 3.49 -11.45 15.60
C GLN B 306 2.40 -11.38 14.53
N ASN B 307 1.42 -12.26 14.63
CA ASN B 307 0.29 -12.33 13.70
C ASN B 307 -0.85 -11.41 14.12
N VAL B 308 -1.99 -11.54 13.44
CA VAL B 308 -3.16 -10.74 13.78
C VAL B 308 -3.91 -11.53 14.86
N PRO B 309 -3.74 -11.19 16.13
CA PRO B 309 -4.41 -11.89 17.21
C PRO B 309 -5.84 -11.39 17.22
N THR B 310 -6.70 -11.97 18.06
CA THR B 310 -8.09 -11.52 18.11
C THR B 310 -8.73 -11.79 19.46
N ILE B 311 -9.38 -10.76 19.97
CA ILE B 311 -10.07 -10.84 21.26
C ILE B 311 -11.49 -11.29 20.95
N ARG B 312 -11.86 -12.49 21.36
CA ARG B 312 -13.21 -12.96 21.07
C ARG B 312 -14.20 -12.84 22.25
N HIS B 313 -15.42 -12.44 21.94
CA HIS B 313 -16.44 -12.29 22.96
C HIS B 313 -16.87 -13.70 23.37
N ILE B 314 -17.42 -13.85 24.56
CA ILE B 314 -17.84 -15.17 25.03
C ILE B 314 -18.84 -15.89 24.14
N LEU B 315 -19.89 -15.19 23.76
CA LEU B 315 -20.90 -15.82 22.90
C LEU B 315 -20.38 -16.30 21.55
N LEU B 316 -19.39 -15.63 21.01
CA LEU B 316 -18.89 -16.09 19.72
C LEU B 316 -18.36 -17.50 19.82
N ASP B 317 -17.54 -17.76 20.85
CA ASP B 317 -16.98 -19.10 21.02
C ASP B 317 -18.08 -20.09 21.37
N ALA B 318 -19.09 -19.64 22.10
CA ALA B 318 -20.16 -20.56 22.43
C ALA B 318 -21.03 -20.86 21.22
N ALA B 319 -21.24 -19.86 20.36
CA ALA B 319 -22.07 -20.04 19.18
C ALA B 319 -21.50 -21.17 18.33
N VAL B 320 -20.18 -21.27 18.39
CA VAL B 320 -19.45 -22.30 17.65
C VAL B 320 -19.70 -23.63 18.35
N LEU B 321 -19.79 -23.57 19.68
CA LEU B 321 -20.04 -24.75 20.49
C LEU B 321 -21.52 -25.11 20.64
N GLY B 322 -22.38 -24.11 20.54
CA GLY B 322 -23.81 -24.37 20.68
C GLY B 322 -24.80 -23.25 20.36
N ASP B 323 -26.00 -23.71 20.06
CA ASP B 323 -27.19 -22.94 19.69
C ASP B 323 -27.65 -22.13 20.90
N LYS B 324 -28.32 -21.00 20.69
CA LYS B 324 -28.77 -20.24 21.86
C LYS B 324 -29.73 -21.16 22.61
N ARG B 325 -30.50 -21.93 21.86
CA ARG B 325 -31.46 -22.85 22.46
C ARG B 325 -30.77 -23.86 23.37
N SER B 326 -29.56 -24.26 23.02
CA SER B 326 -28.82 -25.21 23.85
C SER B 326 -28.24 -24.57 25.11
N TYR B 327 -28.64 -23.33 25.41
CA TYR B 327 -28.13 -22.66 26.58
C TYR B 327 -29.22 -21.94 27.36
N SER B 328 -30.33 -21.61 26.70
CA SER B 328 -31.43 -20.92 27.37
C SER B 328 -32.71 -20.84 26.56
N SER B 329 -33.82 -21.16 27.21
CA SER B 329 -35.13 -21.13 26.59
C SER B 329 -35.57 -19.70 26.40
N ARG B 330 -34.84 -18.78 27.03
CA ARG B 330 -35.13 -17.36 26.97
C ARG B 330 -35.07 -16.82 25.53
N THR B 331 -36.07 -16.04 25.16
CA THR B 331 -36.16 -15.43 23.85
C THR B 331 -35.59 -14.03 23.73
N GLU B 332 -34.79 -13.60 24.70
CA GLU B 332 -34.23 -12.26 24.68
C GLU B 332 -32.75 -12.26 25.02
N PRO B 333 -32.10 -11.10 24.88
CA PRO B 333 -30.68 -10.99 25.17
C PRO B 333 -30.35 -11.58 26.54
N LEU B 334 -29.34 -12.44 26.57
CA LEU B 334 -28.90 -13.08 27.79
C LEU B 334 -28.26 -12.06 28.72
N SER B 335 -28.51 -12.22 30.02
CA SER B 335 -27.97 -11.33 31.04
C SER B 335 -26.49 -11.52 31.32
N ASP B 336 -25.87 -10.51 31.92
CA ASP B 336 -24.46 -10.60 32.26
C ASP B 336 -24.28 -11.81 33.16
N GLU B 337 -25.28 -12.09 33.99
CA GLU B 337 -25.21 -13.23 34.90
C GLU B 337 -25.10 -14.49 34.05
N GLU B 338 -26.04 -14.62 33.12
CA GLU B 338 -26.04 -15.78 32.25
C GLU B 338 -24.76 -15.89 31.46
N LEU B 339 -24.18 -14.75 31.10
CA LEU B 339 -22.95 -14.78 30.34
C LEU B 339 -21.82 -15.29 31.22
N ASP B 340 -21.80 -14.88 32.48
CA ASP B 340 -20.76 -15.34 33.39
C ASP B 340 -20.86 -16.85 33.58
N LYS B 341 -22.10 -17.34 33.61
CA LYS B 341 -22.36 -18.77 33.80
C LYS B 341 -21.84 -19.65 32.66
N ILE B 342 -22.12 -19.23 31.43
CA ILE B 342 -21.69 -19.99 30.27
C ILE B 342 -20.17 -20.10 30.19
N ALA B 343 -19.48 -19.06 30.66
CA ALA B 343 -18.03 -19.07 30.62
C ALA B 343 -17.50 -20.10 31.59
N LYS B 344 -18.17 -20.23 32.72
CA LYS B 344 -17.75 -21.18 33.72
C LYS B 344 -17.97 -22.57 33.13
N GLN B 345 -19.05 -22.76 32.39
CA GLN B 345 -19.32 -24.07 31.80
C GLN B 345 -18.25 -24.47 30.79
N LEU B 346 -17.91 -23.54 29.92
CA LEU B 346 -16.92 -23.74 28.87
C LEU B 346 -15.44 -23.51 29.23
N ASN B 347 -15.20 -23.00 30.43
CA ASN B 347 -13.84 -22.70 30.86
C ASN B 347 -13.13 -21.47 30.29
N LEU B 348 -13.93 -20.69 29.59
CA LEU B 348 -13.52 -19.45 28.95
C LEU B 348 -13.77 -18.22 29.82
N GLY B 349 -13.09 -17.13 29.47
CA GLY B 349 -13.23 -15.85 30.16
C GLY B 349 -14.39 -15.09 29.49
N ARG B 350 -14.74 -13.93 30.02
CA ARG B 350 -15.84 -13.14 29.45
C ARG B 350 -15.36 -12.47 28.14
N TRP B 351 -14.08 -12.66 27.88
CA TRP B 351 -13.35 -12.16 26.71
C TRP B 351 -12.22 -13.18 26.60
N ASN B 352 -11.79 -13.50 25.38
CA ASN B 352 -10.73 -14.48 25.24
C ASN B 352 -9.80 -14.19 24.07
N PHE B 353 -8.55 -13.94 24.44
CA PHE B 353 -7.49 -13.61 23.50
C PHE B 353 -6.76 -14.76 22.85
N TYR B 354 -7.01 -14.99 21.58
CA TYR B 354 -6.34 -16.06 20.85
C TYR B 354 -5.22 -15.35 20.10
N GLY B 355 -4.09 -16.03 19.88
CA GLY B 355 -2.95 -15.44 19.18
C GLY B 355 -1.95 -16.54 18.88
N ALA B 356 -0.71 -16.18 18.56
CA ALA B 356 0.28 -17.21 18.25
C ALA B 356 1.71 -16.72 18.22
N LEU B 357 2.62 -17.69 18.18
CA LEU B 357 4.05 -17.44 18.16
C LEU B 357 4.61 -18.25 17.00
N TYR B 358 5.58 -17.66 16.33
CA TYR B 358 6.19 -18.29 15.16
C TYR B 358 7.69 -18.02 15.18
N GLY B 359 8.48 -19.06 15.00
CA GLY B 359 9.93 -18.89 15.00
C GLY B 359 10.62 -20.05 15.71
N PRO B 360 11.95 -19.99 15.77
CA PRO B 360 12.69 -21.04 16.45
C PRO B 360 12.30 -20.90 17.92
N GLU B 361 12.57 -21.95 18.69
CA GLU B 361 12.25 -21.97 20.10
C GLU B 361 12.78 -20.82 20.94
N PRO B 362 14.04 -20.45 20.76
CA PRO B 362 14.60 -19.35 21.55
C PRO B 362 13.81 -18.05 21.38
N ILE B 363 13.31 -17.81 20.18
CA ILE B 363 12.54 -16.60 19.95
C ILE B 363 11.20 -16.83 20.61
N ARG B 364 10.58 -17.96 20.27
CA ARG B 364 9.29 -18.30 20.86
C ARG B 364 9.29 -18.29 22.39
N ARG B 365 10.29 -18.91 23.00
CA ARG B 365 10.35 -18.95 24.46
C ARG B 365 10.39 -17.54 25.03
N VAL B 366 11.27 -16.73 24.46
CA VAL B 366 11.40 -15.37 24.94
C VAL B 366 10.11 -14.58 24.80
N LEU B 367 9.46 -14.67 23.65
CA LEU B 367 8.22 -13.93 23.43
C LEU B 367 7.14 -14.41 24.39
N TRP B 368 7.08 -15.73 24.56
CA TRP B 368 6.07 -16.29 25.45
C TRP B 368 6.16 -15.76 26.87
N GLU B 369 7.39 -15.51 27.31
CA GLU B 369 7.61 -14.98 28.64
C GLU B 369 7.00 -13.59 28.71
N THR B 370 7.44 -12.76 27.80
CA THR B 370 6.99 -11.37 27.74
C THR B 370 5.48 -11.25 27.71
N ILE B 371 4.88 -12.07 26.85
CA ILE B 371 3.44 -12.04 26.72
C ILE B 371 2.79 -12.49 28.02
N LYS B 372 3.18 -13.65 28.51
CA LYS B 372 2.60 -14.18 29.74
C LYS B 372 2.83 -13.22 30.90
N ASP B 373 4.03 -12.69 31.00
CA ASP B 373 4.35 -11.75 32.07
C ASP B 373 3.53 -10.48 31.98
N ALA B 374 3.29 -10.01 30.75
CA ALA B 374 2.52 -8.80 30.56
C ALA B 374 1.04 -8.93 30.93
N PHE B 375 0.41 -9.98 30.45
CA PHE B 375 -1.00 -10.25 30.73
C PHE B 375 -1.33 -10.58 32.18
N SER B 376 -0.31 -10.94 32.95
CA SER B 376 -0.50 -11.30 34.35
C SER B 376 -1.00 -10.17 35.24
N ALA B 377 -0.82 -8.93 34.78
CA ALA B 377 -1.27 -7.77 35.53
C ALA B 377 -2.78 -7.90 35.74
N ILE B 378 -3.40 -8.68 34.87
CA ILE B 378 -4.83 -8.92 34.94
C ILE B 378 -5.10 -10.01 35.98
N PRO B 379 -5.95 -9.67 36.95
CA PRO B 379 -6.29 -10.62 37.99
C PRO B 379 -7.13 -11.71 37.36
N GLY B 380 -6.83 -12.96 37.71
CA GLY B 380 -7.57 -14.12 37.20
C GLY B 380 -7.31 -14.63 35.79
N VAL B 381 -6.35 -14.03 35.08
CA VAL B 381 -6.06 -14.48 33.73
C VAL B 381 -5.58 -15.94 33.85
N LYS B 382 -5.74 -16.72 32.78
CA LYS B 382 -5.35 -18.14 32.73
C LYS B 382 -4.97 -18.50 31.30
N PHE B 383 -3.73 -18.95 31.12
CA PHE B 383 -3.16 -19.33 29.82
C PHE B 383 -3.23 -20.77 29.32
N TYR B 384 -3.99 -21.06 28.26
CA TYR B 384 -4.01 -22.45 27.79
C TYR B 384 -3.39 -22.68 26.41
N PHE B 385 -2.75 -23.82 26.24
CA PHE B 385 -2.19 -24.20 24.96
C PHE B 385 -3.29 -25.08 24.39
N PRO B 386 -3.31 -25.29 23.09
CA PRO B 386 -4.36 -26.11 22.49
C PRO B 386 -4.46 -27.48 23.15
N GLU B 387 -3.32 -28.06 23.48
CA GLU B 387 -3.26 -29.37 24.11
C GLU B 387 -4.08 -29.36 25.40
N ASP B 388 -3.90 -28.30 26.18
CA ASP B 388 -4.56 -28.08 27.46
C ASP B 388 -6.06 -27.91 27.37
N THR B 389 -6.69 -28.25 26.25
CA THR B 389 -8.13 -28.05 26.21
C THR B 389 -8.90 -29.16 25.54
N PRO B 390 -10.19 -29.14 25.83
CA PRO B 390 -11.11 -30.14 25.30
C PRO B 390 -11.03 -30.20 23.79
N GLU B 391 -11.15 -31.43 23.27
CA GLU B 391 -11.12 -31.73 21.85
C GLU B 391 -12.22 -31.20 20.93
N ASN B 392 -12.75 -30.03 21.26
CA ASN B 392 -13.81 -29.40 20.48
C ASN B 392 -13.61 -27.90 20.58
N SER B 393 -12.76 -27.51 21.52
CA SER B 393 -12.44 -26.12 21.77
C SER B 393 -12.12 -25.31 20.52
N VAL B 394 -12.53 -24.06 20.59
CA VAL B 394 -12.34 -23.10 19.52
C VAL B 394 -10.86 -22.96 19.27
N LEU B 395 -10.09 -23.13 20.34
CA LEU B 395 -8.65 -23.01 20.22
C LEU B 395 -8.05 -24.07 19.31
N ARG B 396 -8.54 -25.30 19.45
CA ARG B 396 -8.03 -26.37 18.61
C ARG B 396 -8.24 -26.03 17.14
N VAL B 397 -9.27 -25.24 16.88
CA VAL B 397 -9.59 -24.82 15.53
C VAL B 397 -8.72 -23.67 15.05
N ARG B 398 -8.63 -22.60 15.84
CA ARG B 398 -7.83 -21.47 15.41
C ARG B 398 -6.37 -21.80 15.30
N ASP B 399 -5.97 -22.89 15.96
CA ASP B 399 -4.59 -23.34 15.92
C ASP B 399 -4.25 -23.67 14.46
N LYS B 400 -5.26 -24.12 13.71
CA LYS B 400 -5.08 -24.46 12.30
C LYS B 400 -5.18 -23.19 11.47
N THR B 401 -6.14 -22.35 11.84
CA THR B 401 -6.33 -21.10 11.11
C THR B 401 -5.07 -20.26 11.23
N MET B 402 -4.48 -20.28 12.42
CA MET B 402 -3.26 -19.53 12.65
C MET B 402 -2.00 -20.06 12.00
N GLN B 403 -2.16 -21.11 11.20
CA GLN B 403 -1.02 -21.70 10.51
C GLN B 403 -1.34 -21.99 9.05
N GLY B 404 -2.33 -21.27 8.52
CA GLY B 404 -2.75 -21.42 7.13
C GLY B 404 -3.69 -22.56 6.79
N ILE B 405 -4.06 -23.36 7.78
CA ILE B 405 -4.97 -24.45 7.50
C ILE B 405 -6.42 -23.94 7.54
N PRO B 406 -7.10 -24.05 6.40
CA PRO B 406 -8.49 -23.61 6.31
C PRO B 406 -9.40 -24.57 7.05
N THR B 407 -10.62 -24.15 7.32
CA THR B 407 -11.57 -25.00 8.03
C THR B 407 -12.94 -24.44 7.73
N TYR B 408 -13.96 -25.01 8.35
CA TYR B 408 -15.31 -24.54 8.12
C TYR B 408 -16.04 -24.66 9.45
N ASP B 409 -15.31 -25.10 10.47
CA ASP B 409 -15.93 -25.25 11.77
C ASP B 409 -16.62 -23.99 12.24
N GLU B 410 -16.06 -22.82 11.96
CA GLU B 410 -16.73 -21.61 12.42
C GLU B 410 -18.13 -21.26 11.94
N LEU B 411 -18.58 -21.79 10.81
CA LEU B 411 -19.92 -21.47 10.36
C LEU B 411 -20.97 -21.78 11.39
N LYS B 412 -20.64 -22.71 12.28
CA LYS B 412 -21.55 -23.14 13.34
C LYS B 412 -22.11 -21.93 14.09
N TRP B 413 -21.32 -20.88 14.25
CA TRP B 413 -21.87 -19.75 14.96
C TRP B 413 -23.05 -19.07 14.27
N ILE B 414 -23.13 -19.18 12.94
CA ILE B 414 -24.23 -18.54 12.25
C ILE B 414 -25.54 -19.15 12.76
N ASP B 415 -25.46 -20.37 13.25
CA ASP B 415 -26.60 -21.11 13.79
C ASP B 415 -27.20 -20.77 15.16
N TRP B 416 -26.72 -19.69 15.79
CA TRP B 416 -27.21 -19.26 17.10
C TRP B 416 -28.74 -19.22 17.09
N LEU B 417 -29.33 -18.51 16.15
CA LEU B 417 -30.78 -18.43 16.01
C LEU B 417 -31.22 -19.51 15.02
N PRO B 418 -32.53 -19.67 14.82
CA PRO B 418 -33.02 -20.68 13.91
C PRO B 418 -32.51 -20.47 12.50
N ASN B 419 -33.18 -19.62 11.73
CA ASN B 419 -32.71 -19.41 10.38
C ASN B 419 -31.57 -18.42 10.44
N GLY B 420 -30.36 -18.96 10.55
CA GLY B 420 -29.16 -18.17 10.65
C GLY B 420 -28.91 -17.28 9.45
N ALA B 421 -28.38 -16.10 9.73
CA ALA B 421 -28.08 -15.16 8.66
C ALA B 421 -27.16 -14.15 9.29
N HIS B 422 -25.99 -14.02 8.66
CA HIS B 422 -25.01 -13.08 9.14
C HIS B 422 -25.02 -11.69 8.56
N LEU B 423 -24.61 -10.72 9.37
CA LEU B 423 -24.56 -9.33 8.93
C LEU B 423 -23.50 -8.68 9.79
N PHE B 424 -22.42 -8.26 9.14
CA PHE B 424 -21.32 -7.62 9.82
C PHE B 424 -21.30 -6.12 9.94
N PHE B 425 -21.24 -5.62 11.17
CA PHE B 425 -21.13 -4.19 11.37
C PHE B 425 -19.62 -4.12 11.62
N SER B 426 -18.89 -3.21 10.97
CA SER B 426 -17.44 -3.22 11.24
C SER B 426 -16.75 -1.87 11.29
N PRO B 427 -16.85 -1.28 12.47
CA PRO B 427 -16.24 0.01 12.71
C PRO B 427 -14.79 -0.26 13.09
N ILE B 428 -13.92 0.69 12.81
CA ILE B 428 -12.54 0.52 13.17
C ILE B 428 -12.41 1.16 14.55
N ALA B 429 -11.41 0.75 15.34
CA ALA B 429 -11.24 1.32 16.66
C ALA B 429 -9.77 1.31 17.04
N LYS B 430 -9.41 2.30 17.85
CA LYS B 430 -8.04 2.43 18.32
C LYS B 430 -7.59 1.27 19.20
N VAL B 431 -6.28 1.10 19.26
CA VAL B 431 -5.69 0.04 20.07
C VAL B 431 -5.65 0.66 21.47
N SER B 432 -6.79 1.12 21.97
CA SER B 432 -6.88 1.75 23.28
C SER B 432 -8.04 1.19 24.09
N GLY B 433 -7.77 0.91 25.35
CA GLY B 433 -8.78 0.36 26.25
C GLY B 433 -9.97 1.30 26.40
N GLU B 434 -9.69 2.59 26.44
CA GLU B 434 -10.79 3.53 26.59
C GLU B 434 -11.66 3.62 25.35
N ASP B 435 -11.04 3.69 24.19
CA ASP B 435 -11.77 3.80 22.94
C ASP B 435 -12.54 2.50 22.67
N ALA B 436 -11.84 1.38 22.86
CA ALA B 436 -12.43 0.07 22.64
C ALA B 436 -13.61 -0.15 23.56
N MET B 437 -13.48 0.34 24.78
CA MET B 437 -14.54 0.16 25.75
C MET B 437 -15.77 0.97 25.32
N MET B 438 -15.56 2.21 24.90
CA MET B 438 -16.70 3.03 24.47
C MET B 438 -17.42 2.46 23.27
N GLN B 439 -16.65 1.96 22.30
CA GLN B 439 -17.27 1.40 21.11
C GLN B 439 -18.13 0.19 21.46
N TYR B 440 -17.61 -0.69 22.30
CA TYR B 440 -18.34 -1.89 22.70
C TYR B 440 -19.67 -1.58 23.37
N ALA B 441 -19.64 -0.60 24.27
CA ALA B 441 -20.84 -0.21 24.99
C ALA B 441 -21.91 0.36 24.08
N VAL B 442 -21.48 1.24 23.19
CA VAL B 442 -22.45 1.82 22.29
C VAL B 442 -23.05 0.71 21.42
N THR B 443 -22.20 -0.15 20.86
CA THR B 443 -22.73 -1.23 20.04
C THR B 443 -23.61 -2.18 20.80
N LYS B 444 -23.28 -2.45 22.06
CA LYS B 444 -24.10 -3.36 22.85
C LYS B 444 -25.51 -2.85 23.16
N LYS B 445 -25.59 -1.61 23.65
CA LYS B 445 -26.87 -1.03 23.99
C LYS B 445 -27.81 -1.04 22.80
N ARG B 446 -27.34 -0.64 21.63
CA ARG B 446 -28.22 -0.64 20.48
C ARG B 446 -28.69 -2.07 20.21
N CYS B 447 -27.79 -3.04 20.36
CA CYS B 447 -28.16 -4.42 20.12
C CYS B 447 -29.28 -4.83 21.07
N GLN B 448 -29.12 -4.45 22.33
CA GLN B 448 -30.11 -4.78 23.34
C GLN B 448 -31.43 -4.14 22.92
N GLU B 449 -31.39 -2.89 22.47
CA GLU B 449 -32.60 -2.20 22.05
C GLU B 449 -33.35 -2.97 20.98
N ALA B 450 -32.60 -3.62 20.10
CA ALA B 450 -33.18 -4.42 19.02
C ALA B 450 -33.57 -5.84 19.43
N GLY B 451 -33.27 -6.21 20.66
CA GLY B 451 -33.57 -7.56 21.15
C GLY B 451 -32.54 -8.64 20.80
N LEU B 452 -31.43 -8.23 20.20
CA LEU B 452 -30.37 -9.15 19.82
C LEU B 452 -29.23 -9.32 20.81
N ASP B 453 -28.60 -10.49 20.82
CA ASP B 453 -27.46 -10.73 21.72
C ASP B 453 -26.24 -10.07 21.09
N PHE B 454 -25.43 -9.37 21.88
CA PHE B 454 -24.25 -8.77 21.27
C PHE B 454 -23.28 -9.92 21.02
N ILE B 455 -22.49 -9.80 19.96
CA ILE B 455 -21.50 -10.83 19.60
C ILE B 455 -20.52 -10.11 18.69
N GLY B 456 -19.24 -10.36 18.90
CA GLY B 456 -18.24 -9.71 18.07
C GLY B 456 -16.83 -10.17 18.40
N THR B 457 -15.85 -9.63 17.68
CA THR B 457 -14.46 -10.00 17.90
C THR B 457 -13.63 -8.89 17.33
N PHE B 458 -12.60 -8.50 18.07
CA PHE B 458 -11.72 -7.45 17.59
C PHE B 458 -10.67 -8.26 16.84
N THR B 459 -10.02 -7.66 15.85
CA THR B 459 -8.99 -8.36 15.10
C THR B 459 -7.99 -7.22 15.16
N VAL B 460 -6.89 -7.49 15.86
CA VAL B 460 -5.84 -6.53 16.08
C VAL B 460 -4.77 -6.21 15.04
N GLY B 461 -4.87 -5.02 14.46
CA GLY B 461 -3.91 -4.55 13.45
C GLY B 461 -2.80 -3.83 14.21
N MET B 462 -1.77 -3.35 13.55
CA MET B 462 -0.69 -2.65 14.25
C MET B 462 -1.20 -1.50 15.11
N ARG B 463 -1.68 -0.45 14.45
CA ARG B 463 -2.21 0.75 15.12
C ARG B 463 -3.72 0.81 15.23
N GLU B 464 -4.39 -0.29 14.92
CA GLU B 464 -5.84 -0.30 14.98
C GLU B 464 -6.44 -1.68 15.15
N MET B 465 -7.76 -1.68 15.35
CA MET B 465 -8.47 -2.93 15.51
C MET B 465 -9.79 -2.79 14.79
N HIS B 466 -10.11 -3.84 14.03
CA HIS B 466 -11.34 -3.91 13.27
C HIS B 466 -12.28 -4.48 14.31
N HIS B 467 -13.35 -3.76 14.66
CA HIS B 467 -14.27 -4.30 15.65
C HIS B 467 -15.32 -4.97 14.75
N ILE B 468 -15.45 -6.28 14.84
CA ILE B 468 -16.44 -6.94 13.99
C ILE B 468 -17.73 -7.38 14.67
N VAL B 469 -18.76 -6.55 14.62
CA VAL B 469 -20.02 -6.91 15.25
C VAL B 469 -20.80 -7.94 14.44
N CYS B 470 -21.04 -9.10 15.05
CA CYS B 470 -21.78 -10.15 14.36
C CYS B 470 -23.28 -10.13 14.58
N ILE B 471 -24.01 -9.58 13.62
CA ILE B 471 -25.46 -9.56 13.79
C ILE B 471 -26.10 -10.84 13.26
N VAL B 472 -26.44 -11.77 14.14
CA VAL B 472 -27.07 -12.99 13.68
C VAL B 472 -28.54 -12.63 13.77
N PHE B 473 -29.36 -13.16 12.87
CA PHE B 473 -30.77 -12.85 12.94
C PHE B 473 -31.45 -13.91 12.12
N ASN B 474 -32.67 -14.23 12.51
CA ASN B 474 -33.46 -15.22 11.81
C ASN B 474 -33.95 -14.61 10.50
N LYS B 475 -33.49 -15.17 9.38
CA LYS B 475 -33.88 -14.66 8.06
C LYS B 475 -35.31 -14.81 7.61
N LYS B 476 -36.22 -15.13 8.52
CA LYS B 476 -37.61 -15.30 8.12
C LYS B 476 -38.55 -14.45 8.94
N ASP B 477 -38.06 -13.86 10.01
CA ASP B 477 -38.88 -13.00 10.84
C ASP B 477 -38.78 -11.63 10.19
N LEU B 478 -39.82 -11.17 9.50
CA LEU B 478 -39.72 -9.86 8.87
C LEU B 478 -39.54 -8.73 9.89
N ILE B 479 -40.15 -8.90 11.05
CA ILE B 479 -40.02 -7.87 12.07
C ILE B 479 -38.58 -7.76 12.54
N GLN B 480 -37.96 -8.91 12.78
CA GLN B 480 -36.59 -8.90 13.27
C GLN B 480 -35.74 -8.21 12.21
N LYS B 481 -36.00 -8.54 10.95
CA LYS B 481 -35.22 -7.92 9.90
C LYS B 481 -35.32 -6.40 9.99
N ARG B 482 -36.53 -5.88 10.10
CA ARG B 482 -36.63 -4.42 10.19
C ARG B 482 -35.88 -3.91 11.39
N LYS B 483 -35.99 -4.61 12.51
CA LYS B 483 -35.29 -4.16 13.68
C LYS B 483 -33.81 -4.14 13.34
N VAL B 484 -33.37 -5.14 12.60
CA VAL B 484 -31.96 -5.20 12.21
C VAL B 484 -31.55 -4.06 11.29
N GLN B 485 -32.39 -3.74 10.31
CA GLN B 485 -32.04 -2.65 9.40
C GLN B 485 -31.89 -1.43 10.28
N TRP B 486 -32.85 -1.27 11.17
CA TRP B 486 -32.82 -0.12 12.07
C TRP B 486 -31.54 -0.18 12.91
N LEU B 487 -31.16 -1.39 13.31
CA LEU B 487 -29.96 -1.52 14.12
C LEU B 487 -28.75 -1.00 13.38
N MET B 488 -28.54 -1.51 12.17
CA MET B 488 -27.41 -1.07 11.37
C MET B 488 -27.34 0.43 11.17
N ARG B 489 -28.42 0.97 10.61
CA ARG B 489 -28.47 2.40 10.37
C ARG B 489 -28.18 3.28 11.55
N THR B 490 -28.69 2.88 12.71
CA THR B 490 -28.45 3.65 13.91
C THR B 490 -27.00 3.50 14.32
N LEU B 491 -26.49 2.28 14.32
CA LEU B 491 -25.09 2.10 14.71
C LEU B 491 -24.18 2.92 13.82
N ILE B 492 -24.47 2.94 12.52
CA ILE B 492 -23.65 3.71 11.61
C ILE B 492 -23.56 5.17 12.05
N ASP B 493 -24.71 5.76 12.33
CA ASP B 493 -24.72 7.16 12.77
C ASP B 493 -24.07 7.42 14.12
N ASP B 494 -24.30 6.56 15.09
CA ASP B 494 -23.69 6.80 16.39
C ASP B 494 -22.18 6.74 16.34
N CYS B 495 -21.65 5.67 15.76
CA CYS B 495 -20.21 5.57 15.70
C CYS B 495 -19.65 6.73 14.90
N ALA B 496 -20.38 7.14 13.87
CA ALA B 496 -19.92 8.24 13.06
C ALA B 496 -19.76 9.47 13.95
N ALA B 497 -20.79 9.70 14.75
CA ALA B 497 -20.82 10.82 15.68
C ALA B 497 -19.76 10.70 16.76
N ASN B 498 -18.88 9.71 16.66
CA ASN B 498 -17.83 9.52 17.66
C ASN B 498 -16.50 9.19 17.01
N GLY B 499 -16.31 9.66 15.77
CA GLY B 499 -15.07 9.42 15.05
C GLY B 499 -14.89 8.02 14.47
N TRP B 500 -15.85 7.13 14.65
CA TRP B 500 -15.69 5.79 14.09
C TRP B 500 -16.22 5.51 12.67
N GLY B 501 -15.35 4.98 11.83
CA GLY B 501 -15.64 4.61 10.45
C GLY B 501 -15.89 3.11 10.34
N GLU B 502 -16.15 2.62 9.13
CA GLU B 502 -16.38 1.20 8.88
C GLU B 502 -15.54 0.89 7.66
N TYR B 503 -14.81 -0.23 7.71
CA TYR B 503 -13.96 -0.56 6.58
C TYR B 503 -14.64 -1.31 5.44
N ARG B 504 -15.82 -1.87 5.70
CA ARG B 504 -16.60 -2.63 4.73
C ARG B 504 -18.04 -2.79 5.19
N THR B 505 -18.90 -3.09 4.23
CA THR B 505 -20.32 -3.30 4.48
C THR B 505 -21.05 -3.87 3.30
N HIS B 506 -22.28 -4.23 3.65
CA HIS B 506 -23.30 -4.82 2.81
C HIS B 506 -23.91 -3.83 1.83
N LEU B 507 -24.37 -4.34 0.70
CA LEU B 507 -24.98 -3.52 -0.34
C LEU B 507 -26.00 -2.50 0.17
N ALA B 508 -26.87 -2.94 1.07
CA ALA B 508 -27.90 -2.06 1.63
C ALA B 508 -27.42 -0.90 2.47
N PHE B 509 -26.12 -0.67 2.54
CA PHE B 509 -25.69 0.44 3.37
C PHE B 509 -24.44 1.11 2.83
N MET B 510 -23.96 0.68 1.67
CA MET B 510 -22.77 1.29 1.11
C MET B 510 -23.05 2.77 0.93
N ASP B 511 -24.28 3.10 0.53
CA ASP B 511 -24.56 4.51 0.34
C ASP B 511 -24.44 5.29 1.66
N GLN B 512 -25.09 4.79 2.71
CA GLN B 512 -25.02 5.49 3.99
C GLN B 512 -23.60 5.61 4.51
N ILE B 513 -22.87 4.52 4.42
CA ILE B 513 -21.50 4.60 4.90
C ILE B 513 -20.65 5.55 4.09
N MET B 514 -20.84 5.61 2.78
CA MET B 514 -20.02 6.54 2.00
C MET B 514 -20.30 7.95 2.51
N GLU B 515 -21.56 8.22 2.83
CA GLU B 515 -21.92 9.54 3.35
C GLU B 515 -21.28 9.97 4.63
N THR B 516 -20.80 9.00 5.40
CA THR B 516 -20.17 9.36 6.66
C THR B 516 -18.81 9.96 6.29
N TYR B 517 -18.23 9.47 5.20
CA TYR B 517 -16.94 9.96 4.74
C TYR B 517 -16.92 11.34 4.08
N ASN B 518 -17.90 12.16 4.47
CA ASN B 518 -18.04 13.50 3.94
C ASN B 518 -17.18 14.72 4.29
N TRP B 519 -15.95 14.56 4.76
CA TRP B 519 -15.17 15.77 5.08
C TRP B 519 -15.06 16.71 3.88
N ASN B 520 -15.19 18.00 4.14
CA ASN B 520 -15.13 19.04 3.11
C ASN B 520 -16.20 18.96 2.04
N ASN B 521 -17.42 18.64 2.43
CA ASN B 521 -18.50 18.57 1.45
C ASN B 521 -18.53 17.39 0.49
N SER B 522 -18.21 16.22 1.02
CA SER B 522 -18.19 14.98 0.25
C SER B 522 -17.13 14.98 -0.82
N SER B 523 -16.10 15.80 -0.61
CA SER B 523 -15.00 15.93 -1.55
C SER B 523 -14.46 14.59 -2.00
N PHE B 524 -14.36 13.66 -1.06
CA PHE B 524 -13.86 12.34 -1.40
C PHE B 524 -14.70 11.63 -2.46
N LEU B 525 -16.01 11.57 -2.26
CA LEU B 525 -16.88 10.91 -3.23
C LEU B 525 -16.86 11.59 -4.59
N ARG B 526 -16.84 12.91 -4.56
CA ARG B 526 -16.82 13.73 -5.77
C ARG B 526 -15.58 13.41 -6.60
N PHE B 527 -14.44 13.26 -5.95
CA PHE B 527 -13.21 12.95 -6.66
C PHE B 527 -13.34 11.59 -7.34
N ASN B 528 -13.96 10.66 -6.65
CA ASN B 528 -14.12 9.33 -7.20
C ASN B 528 -15.02 9.22 -8.41
N GLU B 529 -16.17 9.91 -8.35
CA GLU B 529 -17.10 9.88 -9.45
C GLU B 529 -16.42 10.43 -10.68
N VAL B 530 -15.53 11.40 -10.46
CA VAL B 530 -14.82 11.99 -11.57
C VAL B 530 -13.99 10.90 -12.20
N LEU B 531 -13.25 10.18 -11.36
CA LEU B 531 -12.42 9.12 -11.88
C LEU B 531 -13.31 8.06 -12.53
N LYS B 532 -14.43 7.78 -11.89
CA LYS B 532 -15.34 6.77 -12.40
C LYS B 532 -15.83 7.08 -13.81
N ASN B 533 -16.51 8.21 -13.95
CA ASN B 533 -17.03 8.57 -15.25
C ASN B 533 -15.98 8.72 -16.35
N ALA B 534 -14.78 9.09 -15.95
CA ALA B 534 -13.71 9.26 -16.93
C ALA B 534 -13.33 7.90 -17.51
N VAL B 535 -13.29 6.91 -16.63
CA VAL B 535 -12.96 5.52 -16.91
C VAL B 535 -14.02 4.62 -17.50
N ASP B 536 -15.27 4.90 -17.18
CA ASP B 536 -16.37 4.11 -17.66
C ASP B 536 -17.47 5.13 -17.89
N PRO B 537 -17.50 5.63 -19.11
CA PRO B 537 -18.47 6.63 -19.51
C PRO B 537 -19.89 6.11 -19.38
N ASN B 538 -20.08 4.86 -19.76
CA ASN B 538 -21.40 4.23 -19.70
C ASN B 538 -21.88 3.65 -18.38
N GLY B 539 -21.05 3.67 -17.34
CA GLY B 539 -21.48 3.12 -16.06
C GLY B 539 -21.79 1.63 -16.10
N ILE B 540 -21.16 0.91 -17.03
CA ILE B 540 -21.36 -0.52 -17.19
C ILE B 540 -20.93 -1.38 -16.00
N ILE B 541 -19.78 -1.05 -15.43
CA ILE B 541 -19.24 -1.82 -14.31
C ILE B 541 -19.71 -1.57 -12.88
N ALA B 542 -20.40 -2.57 -12.32
CA ALA B 542 -20.87 -2.49 -10.94
C ALA B 542 -21.28 -1.14 -10.36
N PRO B 543 -22.07 -0.36 -11.08
CA PRO B 543 -22.49 0.95 -10.56
C PRO B 543 -23.07 0.82 -9.15
N GLY B 544 -22.70 1.79 -8.31
CA GLY B 544 -23.13 1.85 -6.92
C GLY B 544 -22.20 1.16 -5.92
N LYS B 545 -21.18 0.45 -6.38
CA LYS B 545 -20.27 -0.21 -5.45
C LYS B 545 -19.69 0.87 -4.55
N SER B 546 -19.66 0.61 -3.25
CA SER B 546 -19.13 1.56 -2.29
C SER B 546 -19.85 2.92 -2.36
N GLY B 547 -20.97 2.96 -3.07
CA GLY B 547 -21.70 4.20 -3.19
C GLY B 547 -21.30 5.07 -4.37
N VAL B 548 -20.32 4.64 -5.17
CA VAL B 548 -19.94 5.45 -6.31
C VAL B 548 -20.89 5.21 -7.49
N TRP B 549 -21.64 6.25 -7.87
CA TRP B 549 -22.57 6.16 -8.98
C TRP B 549 -22.17 6.83 -10.29
N PRO B 550 -22.36 6.16 -11.42
CA PRO B 550 -22.00 6.77 -12.71
C PRO B 550 -23.00 7.90 -12.92
N SER B 551 -22.70 8.83 -13.82
CA SER B 551 -23.61 9.95 -14.08
C SER B 551 -25.01 9.58 -14.55
N GLN B 552 -25.13 8.41 -15.18
CA GLN B 552 -26.41 7.93 -15.69
C GLN B 552 -27.43 7.65 -14.60
N TYR B 553 -26.96 7.14 -13.47
CA TYR B 553 -27.84 6.84 -12.35
C TYR B 553 -28.07 8.10 -11.54
N SER B 554 -29.33 8.55 -11.45
CA SER B 554 -29.59 9.75 -10.67
C SER B 554 -29.44 9.33 -9.22
N HIS B 555 -28.81 10.19 -8.44
CA HIS B 555 -28.61 9.89 -7.02
C HIS B 555 -29.93 9.86 -6.27
N VAL B 556 -30.94 10.56 -6.80
CA VAL B 556 -32.25 10.59 -6.15
C VAL B 556 -32.95 9.25 -6.25
N THR B 557 -32.94 8.66 -7.44
CA THR B 557 -33.58 7.38 -7.63
C THR B 557 -32.78 6.22 -7.03
N TRP B 558 -31.47 6.26 -7.23
CA TRP B 558 -30.60 5.20 -6.72
C TRP B 558 -30.09 5.12 -5.31
N LYS B 559 -29.68 6.25 -4.71
CA LYS B 559 -29.16 6.21 -3.35
C LYS B 559 -30.15 5.52 -2.43
N LEU B 560 -29.72 5.17 -1.23
CA LEU B 560 -30.63 4.48 -0.34
C LEU B 560 -30.12 4.52 1.10
#